data_6KTQ
#
_entry.id   6KTQ
#
_cell.length_a   114.693
_cell.length_b   114.693
_cell.length_c   125.713
_cell.angle_alpha   90.000
_cell.angle_beta   90.000
_cell.angle_gamma   120.000
#
_symmetry.space_group_name_H-M   'P 32 2 1'
#
loop_
_entity.id
_entity.type
_entity.pdbx_description
1 polymer 'Homocitrate synthase'
2 non-polymer 'ZINC ION'
3 non-polymer '2-OXOGLUTARIC ACID'
4 non-polymer 'COENZYME A'
5 non-polymer 'SULFATE ION'
6 non-polymer 'PENTAETHYLENE GLYCOL'
7 water water
#
_entity_poly.entity_id   1
_entity_poly.type   'polypeptide(L)'
_entity_poly.pdbx_seq_one_letter_code
;MKHHHHHHHHGGLVPRGSHGGSMLPKKKLHMKVGILDSTLREGEQTPGVVFTTDQRVEIAKALSDIGVQMIEAGHPAVSP
DIYEGIRRIIKLKREGVIKSEIVAHSRAVKRDIEVGAEIEADRIAIFYGISDTHLKAKHHTTRDEALRSIAETVSYAKSH
GVKVRFTAEDATRADYQYLLEVIKTVRDAGADRVSIADTVGVLYPSRTRELFKDLTSRFPDIEFDIHAHNDLGMAVANVL
AAAEGGATIIHTTLNGLGERVGIAPLQVVAAALKYHFGIEVVDLKKLSEVASLVEKYSGIALPPNFPITGDYAFVHKAGV
HVAGVLNDPKTYEFLPPETFGRSRDYVIDKYTGKHAVKDRFDRLGVKLTDSEIDQVLAKIKSNPNVRFYRDVDLLELAES
VTGRLEHHHHHH
;
_entity_poly.pdbx_strand_id   A,B
#
loop_
_chem_comp.id
_chem_comp.type
_chem_comp.name
_chem_comp.formula
1PE non-polymer 'PENTAETHYLENE GLYCOL' 'C10 H22 O6'
AKG non-polymer '2-OXOGLUTARIC ACID' 'C5 H6 O5'
COA non-polymer 'COENZYME A' 'C21 H36 N7 O16 P3 S'
SO4 non-polymer 'SULFATE ION' 'O4 S -2'
ZN non-polymer 'ZINC ION' 'Zn 2'
#
# COMPACT_ATOMS: atom_id res chain seq x y z
N LYS A 2 -22.43 12.82 11.36
CA LYS A 2 -22.16 12.87 9.88
C LYS A 2 -20.88 13.65 9.59
N HIS A 3 -20.87 14.96 9.87
CA HIS A 3 -19.62 15.75 9.90
C HIS A 3 -19.05 15.79 11.31
N HIS A 4 -18.57 14.62 11.70
CA HIS A 4 -18.15 14.31 13.04
C HIS A 4 -16.71 14.77 13.25
N HIS A 5 -16.18 14.47 14.43
CA HIS A 5 -14.92 15.03 14.89
C HIS A 5 -13.88 14.02 15.20
N HIS A 6 -14.02 12.83 14.61
CA HIS A 6 -12.98 11.82 14.69
C HIS A 6 -12.45 11.49 13.30
N HIS A 7 -11.57 10.51 13.22
CA HIS A 7 -10.94 10.10 11.96
C HIS A 7 -11.96 9.61 10.93
N HIS A 8 -11.60 9.75 9.67
CA HIS A 8 -12.40 9.24 8.58
C HIS A 8 -11.67 8.02 8.02
N HIS A 9 -12.37 6.91 7.88
CA HIS A 9 -11.76 5.71 7.27
C HIS A 9 -11.58 5.91 5.79
N HIS A 10 -10.48 5.44 5.22
CA HIS A 10 -10.32 5.42 3.77
C HIS A 10 -9.50 4.24 3.33
N GLY A 11 -9.34 4.09 2.00
CA GLY A 11 -8.50 3.03 1.45
C GLY A 11 -7.45 3.50 0.48
N GLY A 12 -6.99 4.73 0.63
CA GLY A 12 -6.03 5.31 -0.31
C GLY A 12 -6.72 5.79 -1.56
N LEU A 13 -5.97 5.89 -2.65
CA LEU A 13 -6.51 6.33 -3.94
C LEU A 13 -7.62 5.39 -4.41
N VAL A 14 -8.67 5.96 -4.97
CA VAL A 14 -9.70 5.18 -5.62
C VAL A 14 -9.10 4.62 -6.93
N PRO A 15 -9.73 3.58 -7.52
CA PRO A 15 -9.18 2.96 -8.74
C PRO A 15 -9.04 3.88 -9.94
N ARG A 16 -8.06 3.62 -10.81
CA ARG A 16 -7.87 4.38 -12.06
C ARG A 16 -9.14 4.43 -12.88
N GLY A 17 -9.37 5.57 -13.52
CA GLY A 17 -10.61 5.82 -14.27
C GLY A 17 -11.85 5.90 -13.39
N SER A 18 -11.68 6.29 -12.12
CA SER A 18 -12.78 6.37 -11.17
C SER A 18 -13.00 7.82 -10.68
N LEU A 29 -11.75 -0.50 4.29
CA LEU A 29 -11.15 0.81 4.62
C LEU A 29 -10.34 0.73 5.92
N HIS A 30 -9.06 0.46 5.76
CA HIS A 30 -8.18 0.18 6.89
C HIS A 30 -7.38 1.43 7.32
N MET A 31 -7.38 2.47 6.49
CA MET A 31 -6.61 3.70 6.74
C MET A 31 -7.51 4.74 7.35
N LYS A 32 -6.91 5.78 7.96
CA LYS A 32 -7.62 6.78 8.74
C LYS A 32 -7.03 8.14 8.40
N VAL A 33 -7.84 9.19 8.33
CA VAL A 33 -7.31 10.55 8.15
C VAL A 33 -8.31 11.57 8.66
N GLY A 34 -7.79 12.66 9.15
CA GLY A 34 -8.64 13.76 9.58
C GLY A 34 -7.90 15.06 9.44
N ILE A 35 -8.62 16.15 9.61
CA ILE A 35 -8.05 17.47 9.50
C ILE A 35 -7.65 18.05 10.85
N LEU A 36 -6.44 18.60 10.91
CA LEU A 36 -6.12 19.56 11.97
C LEU A 36 -6.04 20.91 11.26
N ASP A 37 -6.87 21.85 11.69
CA ASP A 37 -6.80 23.17 11.11
C ASP A 37 -6.03 24.10 12.03
N SER A 38 -5.06 24.80 11.43
CA SER A 38 -4.14 25.69 12.15
C SER A 38 -4.29 27.17 11.71
N THR A 39 -5.45 27.53 11.19
CA THR A 39 -5.76 28.92 10.84
C THR A 39 -5.43 29.83 12.04
N LEU A 40 -5.71 29.34 13.24
CA LEU A 40 -5.53 30.13 14.46
C LEU A 40 -4.13 30.06 15.04
N ARG A 41 -3.26 29.23 14.50
CA ARG A 41 -1.87 29.22 14.92
C ARG A 41 -0.99 29.57 13.71
N GLU A 42 -0.71 28.59 12.86
CA GLU A 42 0.02 28.85 11.62
C GLU A 42 -0.59 30.05 10.86
N GLY A 43 -1.92 30.08 10.75
CA GLY A 43 -2.57 31.11 9.95
C GLY A 43 -2.33 32.53 10.44
N GLU A 44 -2.28 32.69 11.76
CA GLU A 44 -1.99 34.02 12.35
C GLU A 44 -0.49 34.37 12.24
N GLN A 45 0.35 33.48 11.71
CA GLN A 45 1.75 33.84 11.43
C GLN A 45 1.93 34.42 10.03
N THR A 46 0.83 34.64 9.31
CA THR A 46 0.86 35.32 8.04
C THR A 46 1.20 36.81 8.22
N PRO A 47 2.19 37.34 7.47
CA PRO A 47 2.43 38.76 7.52
C PRO A 47 1.14 39.55 7.40
N GLY A 48 0.94 40.49 8.29
CA GLY A 48 -0.20 41.39 8.18
C GLY A 48 -1.50 40.86 8.73
N VAL A 49 -1.50 39.64 9.24
CA VAL A 49 -2.72 39.01 9.74
C VAL A 49 -2.66 38.90 11.25
N VAL A 50 -3.67 39.44 11.91
CA VAL A 50 -3.89 39.19 13.33
C VAL A 50 -5.38 39.08 13.52
N PHE A 51 -5.79 38.28 14.51
CA PHE A 51 -7.16 38.10 14.86
C PHE A 51 -7.38 38.61 16.28
N THR A 52 -8.55 39.18 16.53
CA THR A 52 -9.00 39.47 17.90
C THR A 52 -9.43 38.18 18.57
N THR A 53 -9.58 38.21 19.89
CA THR A 53 -10.06 37.04 20.61
C THR A 53 -11.43 36.60 20.10
N ASP A 54 -12.34 37.53 19.94
CA ASP A 54 -13.68 37.21 19.44
C ASP A 54 -13.61 36.58 18.05
N GLN A 55 -12.73 37.10 17.20
CA GLN A 55 -12.57 36.54 15.83
C GLN A 55 -12.10 35.08 15.87
N ARG A 56 -11.11 34.85 16.70
CA ARG A 56 -10.54 33.52 16.98
C ARG A 56 -11.59 32.56 17.39
N VAL A 57 -12.40 32.97 18.37
CA VAL A 57 -13.52 32.16 18.83
C VAL A 57 -14.52 31.90 17.72
N GLU A 58 -14.86 32.90 16.91
CA GLU A 58 -15.82 32.70 15.85
C GLU A 58 -15.27 31.69 14.82
N ILE A 59 -14.01 31.82 14.48
CA ILE A 59 -13.39 30.88 13.53
C ILE A 59 -13.40 29.46 14.11
N ALA A 60 -13.02 29.29 15.38
CA ALA A 60 -13.00 27.97 16.01
C ALA A 60 -14.35 27.28 15.95
N LYS A 61 -15.41 28.04 16.19
CA LYS A 61 -16.76 27.48 16.11
C LYS A 61 -17.09 27.02 14.72
N ALA A 62 -16.71 27.84 13.72
CA ALA A 62 -16.91 27.46 12.31
C ALA A 62 -16.14 26.18 11.95
N LEU A 63 -14.91 26.07 12.43
CA LEU A 63 -14.10 24.88 12.16
C LEU A 63 -14.74 23.67 12.82
N SER A 64 -15.18 23.82 14.07
CA SER A 64 -15.93 22.74 14.73
C SER A 64 -17.17 22.36 13.93
N ASP A 65 -17.92 23.34 13.46
CA ASP A 65 -19.17 23.08 12.75
C ASP A 65 -19.02 22.33 11.43
N ILE A 66 -17.93 22.54 10.71
CA ILE A 66 -17.74 21.82 9.45
C ILE A 66 -17.10 20.44 9.64
N GLY A 67 -16.75 20.11 10.88
CA GLY A 67 -16.25 18.77 11.25
C GLY A 67 -14.74 18.58 11.22
N VAL A 68 -14.01 19.62 11.55
CA VAL A 68 -12.56 19.51 11.71
C VAL A 68 -12.26 18.64 12.95
N GLN A 69 -11.35 17.69 12.79
CA GLN A 69 -11.00 16.79 13.88
C GLN A 69 -10.25 17.52 14.99
N MET A 70 -9.25 18.30 14.63
CA MET A 70 -8.42 19.02 15.59
C MET A 70 -8.30 20.49 15.23
N ILE A 71 -8.40 21.35 16.24
CA ILE A 71 -8.12 22.76 16.10
C ILE A 71 -6.88 23.13 16.90
N GLU A 72 -5.83 23.58 16.21
CA GLU A 72 -4.67 24.20 16.83
C GLU A 72 -5.03 25.70 17.08
N ALA A 73 -5.34 26.00 18.33
CA ALA A 73 -5.94 27.27 18.73
C ALA A 73 -4.92 28.39 18.98
N GLY A 74 -3.64 28.03 19.07
CA GLY A 74 -2.57 28.99 19.21
C GLY A 74 -1.49 28.52 20.15
N HIS A 75 -0.49 29.38 20.30
CA HIS A 75 0.66 29.20 21.17
C HIS A 75 0.51 30.19 22.33
N PRO A 76 0.06 29.71 23.50
CA PRO A 76 -0.42 30.66 24.50
C PRO A 76 0.64 31.59 25.08
N ALA A 77 1.92 31.24 25.02
CA ALA A 77 2.98 32.16 25.50
C ALA A 77 3.20 33.38 24.60
N VAL A 78 2.63 33.41 23.40
CA VAL A 78 2.99 34.44 22.42
C VAL A 78 2.47 35.81 22.87
N SER A 79 1.23 35.86 23.35
CA SER A 79 0.64 37.14 23.79
C SER A 79 -0.56 36.89 24.68
N PRO A 80 -0.95 37.91 25.47
CA PRO A 80 -2.10 37.68 26.37
C PRO A 80 -3.40 37.39 25.65
N ASP A 81 -3.62 38.05 24.52
CA ASP A 81 -4.84 37.81 23.78
C ASP A 81 -4.94 36.37 23.21
N ILE A 82 -3.80 35.79 22.85
CA ILE A 82 -3.80 34.42 22.32
C ILE A 82 -4.14 33.44 23.46
N TYR A 83 -3.55 33.63 24.62
CA TYR A 83 -3.90 32.89 25.80
C TYR A 83 -5.40 32.93 26.08
N GLU A 84 -5.97 34.13 26.10
CA GLU A 84 -7.38 34.32 26.39
C GLU A 84 -8.29 33.70 25.34
N GLY A 85 -7.91 33.78 24.07
CA GLY A 85 -8.69 33.16 23.00
C GLY A 85 -8.68 31.65 23.16
N ILE A 86 -7.52 31.09 23.48
CA ILE A 86 -7.43 29.64 23.67
C ILE A 86 -8.28 29.19 24.85
N ARG A 87 -8.19 29.93 25.96
CA ARG A 87 -9.00 29.64 27.13
C ARG A 87 -10.50 29.62 26.81
N ARG A 88 -10.98 30.62 26.07
CA ARG A 88 -12.39 30.70 25.68
C ARG A 88 -12.82 29.52 24.82
N ILE A 89 -11.97 29.15 23.88
CA ILE A 89 -12.25 28.02 23.04
C ILE A 89 -12.33 26.75 23.88
N ILE A 90 -11.40 26.56 24.81
CA ILE A 90 -11.43 25.34 25.66
C ILE A 90 -12.68 25.29 26.52
N LYS A 91 -13.08 26.45 27.03
CA LYS A 91 -14.34 26.57 27.74
C LYS A 91 -15.53 26.16 26.85
N LEU A 92 -15.58 26.63 25.60
CA LEU A 92 -16.65 26.25 24.68
C LEU A 92 -16.66 24.74 24.36
N LYS A 93 -15.46 24.14 24.36
CA LYS A 93 -15.31 22.71 24.16
C LYS A 93 -15.87 21.93 25.35
N ARG A 94 -15.45 22.32 26.54
CA ARG A 94 -15.96 21.79 27.79
C ARG A 94 -17.51 21.86 27.83
N GLU A 95 -18.09 22.90 27.24
CA GLU A 95 -19.55 23.05 27.18
C GLU A 95 -20.24 22.35 26.01
N GLY A 96 -19.49 21.66 25.15
CA GLY A 96 -20.05 21.00 23.97
C GLY A 96 -20.40 21.93 22.82
N VAL A 97 -20.09 23.21 22.92
CA VAL A 97 -20.37 24.12 21.80
C VAL A 97 -19.34 23.83 20.71
N ILE A 98 -18.09 23.67 21.09
CA ILE A 98 -17.03 23.23 20.18
C ILE A 98 -16.75 21.74 20.45
N LYS A 99 -16.54 20.97 19.38
CA LYS A 99 -16.37 19.54 19.51
C LYS A 99 -15.01 18.99 19.08
N SER A 100 -14.21 19.79 18.41
CA SER A 100 -12.89 19.36 17.97
C SER A 100 -11.95 19.22 19.13
N GLU A 101 -10.88 18.46 18.93
CA GLU A 101 -9.79 18.39 19.88
C GLU A 101 -9.00 19.70 19.82
N ILE A 102 -8.75 20.30 20.97
CA ILE A 102 -8.03 21.56 21.07
C ILE A 102 -6.57 21.34 21.39
N VAL A 103 -5.72 21.81 20.47
CA VAL A 103 -4.29 21.70 20.57
C VAL A 103 -3.66 23.06 20.87
N ALA A 104 -2.75 23.08 21.85
CA ALA A 104 -1.95 24.25 22.18
C ALA A 104 -0.51 23.98 21.80
N HIS A 105 0.10 24.99 21.22
CA HIS A 105 1.47 24.91 20.77
C HIS A 105 2.39 25.25 21.94
N SER A 106 3.63 24.76 21.88
CA SER A 106 4.60 24.97 22.94
C SER A 106 6.05 24.81 22.47
N ARG A 107 6.94 25.70 22.92
CA ARG A 107 8.36 25.45 22.77
C ARG A 107 8.73 24.34 23.72
N ALA A 108 9.93 23.82 23.57
CA ALA A 108 10.47 22.89 24.54
C ALA A 108 11.03 23.71 25.69
N VAL A 109 10.15 24.35 26.45
CA VAL A 109 10.57 25.12 27.62
C VAL A 109 9.46 24.95 28.65
N LYS A 110 9.86 24.71 29.89
CA LYS A 110 8.95 24.40 31.00
C LYS A 110 7.79 25.39 31.10
N ARG A 111 8.10 26.67 31.05
CA ARG A 111 7.08 27.73 31.07
C ARG A 111 5.94 27.44 30.08
N ASP A 112 6.27 27.39 28.78
CA ASP A 112 5.23 27.13 27.74
C ASP A 112 4.40 25.92 28.10
N ILE A 113 5.07 24.84 28.50
CA ILE A 113 4.37 23.59 28.82
C ILE A 113 3.38 23.76 29.99
N GLU A 114 3.85 24.41 31.06
CA GLU A 114 2.99 24.70 32.23
C GLU A 114 1.78 25.54 31.85
N VAL A 115 2.00 26.52 30.97
CA VAL A 115 0.90 27.34 30.50
C VAL A 115 -0.10 26.47 29.74
N GLY A 116 0.41 25.71 28.76
CA GLY A 116 -0.42 24.75 28.03
C GLY A 116 -1.21 23.85 28.96
N ALA A 117 -0.57 23.35 30.01
CA ALA A 117 -1.26 22.49 30.98
C ALA A 117 -2.34 23.24 31.77
N GLU A 118 -1.95 24.42 32.27
CA GLU A 118 -2.85 25.22 33.10
C GLU A 118 -4.14 25.67 32.38
N ILE A 119 -4.09 25.99 31.08
CA ILE A 119 -5.32 26.31 30.32
C ILE A 119 -6.18 25.10 29.96
N GLU A 120 -5.70 23.90 30.23
CA GLU A 120 -6.46 22.66 30.06
C GLU A 120 -6.72 22.30 28.59
N ALA A 121 -5.70 22.43 27.75
CA ALA A 121 -5.81 21.97 26.37
C ALA A 121 -5.92 20.44 26.34
N ASP A 122 -6.57 19.94 25.29
CA ASP A 122 -6.66 18.50 25.06
C ASP A 122 -5.31 17.92 24.70
N ARG A 123 -4.49 18.70 24.02
CA ARG A 123 -3.20 18.24 23.54
C ARG A 123 -2.22 19.38 23.52
N ILE A 124 -0.97 19.07 23.83
CA ILE A 124 0.13 20.04 23.81
C ILE A 124 1.09 19.59 22.72
N ALA A 125 1.36 20.49 21.77
CA ALA A 125 2.29 20.21 20.66
C ALA A 125 3.59 20.90 20.88
N ILE A 126 4.60 20.13 21.25
CA ILE A 126 5.93 20.67 21.49
C ILE A 126 6.71 20.56 20.20
N PHE A 127 7.27 21.67 19.78
CA PHE A 127 8.07 21.71 18.56
C PHE A 127 9.54 21.90 18.85
N TYR A 128 10.38 21.33 17.99
CA TYR A 128 11.82 21.58 18.04
C TYR A 128 12.39 21.31 16.68
N GLY A 129 13.42 22.06 16.33
CA GLY A 129 14.04 22.01 15.03
C GLY A 129 15.10 20.95 15.06
N ILE A 130 14.98 19.92 14.20
CA ILE A 130 15.90 18.79 14.28
C ILE A 130 16.79 18.57 13.06
N SER A 131 16.80 19.53 12.14
CA SER A 131 17.77 19.55 11.08
C SER A 131 19.04 20.12 11.62
N ASP A 132 20.13 19.90 10.91
CA ASP A 132 21.42 20.43 11.32
C ASP A 132 21.49 21.96 11.30
N THR A 133 20.89 22.65 10.30
CA THR A 133 20.87 24.10 10.34
C THR A 133 20.07 24.57 11.56
N HIS A 134 18.94 23.95 11.88
CA HIS A 134 18.18 24.39 13.04
C HIS A 134 18.93 24.13 14.33
N LEU A 135 19.51 22.95 14.48
CA LEU A 135 20.27 22.63 15.71
C LEU A 135 21.41 23.61 15.93
N LYS A 136 22.15 23.90 14.87
CA LYS A 136 23.28 24.81 14.96
C LYS A 136 22.83 26.27 15.08
N ALA A 137 22.14 26.74 14.06
CA ALA A 137 21.85 28.16 13.90
C ALA A 137 20.73 28.67 14.78
N LYS A 138 19.76 27.83 15.09
CA LYS A 138 18.59 28.28 15.79
C LYS A 138 18.63 27.93 17.28
N HIS A 139 19.03 26.71 17.59
CA HIS A 139 19.03 26.21 18.93
C HIS A 139 20.42 26.22 19.60
N HIS A 140 21.49 26.39 18.84
CA HIS A 140 22.87 26.36 19.36
C HIS A 140 23.13 25.12 20.23
N THR A 141 22.85 23.95 19.67
CA THR A 141 22.87 22.71 20.44
C THR A 141 23.39 21.59 19.55
N THR A 142 23.67 20.44 20.15
CA THR A 142 24.13 19.27 19.45
C THR A 142 22.99 18.30 19.28
N ARG A 143 23.18 17.33 18.38
CA ARG A 143 22.22 16.25 18.22
C ARG A 143 21.85 15.59 19.53
N ASP A 144 22.85 15.27 20.35
CA ASP A 144 22.58 14.54 21.60
C ASP A 144 21.90 15.40 22.62
N GLU A 145 22.31 16.66 22.69
CA GLU A 145 21.74 17.57 23.67
C GLU A 145 20.28 17.83 23.30
N ALA A 146 20.01 17.99 22.00
CA ALA A 146 18.61 18.14 21.55
C ALA A 146 17.75 16.94 21.99
N LEU A 147 18.28 15.72 21.84
CA LEU A 147 17.55 14.51 22.28
C LEU A 147 17.14 14.57 23.76
N ARG A 148 18.06 15.04 24.61
CA ARG A 148 17.77 15.19 26.04
C ARG A 148 16.71 16.24 26.30
N SER A 149 16.81 17.41 25.67
CA SER A 149 15.85 18.49 25.90
C SER A 149 14.46 18.04 25.51
N ILE A 150 14.38 17.38 24.37
CA ILE A 150 13.10 16.90 23.84
C ILE A 150 12.51 15.83 24.75
N ALA A 151 13.33 14.84 25.12
CA ALA A 151 12.85 13.83 26.07
C ALA A 151 12.33 14.47 27.35
N GLU A 152 13.09 15.39 27.93
CA GLU A 152 12.69 15.97 29.21
C GLU A 152 11.38 16.74 29.09
N THR A 153 11.29 17.56 28.06
CA THR A 153 10.13 18.42 27.91
C THR A 153 8.92 17.61 27.54
N VAL A 154 9.07 16.63 26.67
CA VAL A 154 7.92 15.76 26.36
C VAL A 154 7.44 14.98 27.58
N SER A 155 8.38 14.46 28.37
CA SER A 155 8.02 13.77 29.64
C SER A 155 7.33 14.70 30.62
N TYR A 156 7.92 15.88 30.82
CA TYR A 156 7.32 16.89 31.69
C TYR A 156 5.88 17.17 31.29
N ALA A 157 5.63 17.38 29.99
CA ALA A 157 4.28 17.71 29.53
C ALA A 157 3.34 16.55 29.80
N LYS A 158 3.80 15.37 29.47
CA LYS A 158 3.07 14.12 29.71
C LYS A 158 2.60 14.00 31.17
N SER A 159 3.52 14.26 32.09
CA SER A 159 3.26 14.11 33.52
C SER A 159 2.13 15.02 34.04
N HIS A 160 1.74 16.04 33.27
CA HIS A 160 0.54 16.82 33.63
C HIS A 160 -0.77 16.11 33.26
N GLY A 161 -0.69 14.92 32.66
CA GLY A 161 -1.89 14.20 32.22
C GLY A 161 -2.53 14.78 30.98
N VAL A 162 -1.74 15.31 30.07
CA VAL A 162 -2.28 15.75 28.77
C VAL A 162 -1.56 14.99 27.67
N LYS A 163 -2.29 14.71 26.57
CA LYS A 163 -1.71 14.11 25.38
C LYS A 163 -0.66 15.02 24.76
N VAL A 164 0.43 14.43 24.27
CA VAL A 164 1.52 15.19 23.72
C VAL A 164 1.86 14.83 22.27
N ARG A 165 1.83 15.83 21.41
CA ARG A 165 2.43 15.70 20.09
C ARG A 165 3.81 16.33 20.11
N PHE A 166 4.75 15.74 19.37
CA PHE A 166 6.02 16.38 19.13
C PHE A 166 6.06 16.75 17.67
N THR A 167 6.45 17.99 17.38
CA THR A 167 6.64 18.43 16.01
C THR A 167 8.10 18.46 15.69
N ALA A 168 8.50 17.70 14.68
CA ALA A 168 9.84 17.69 14.20
C ALA A 168 9.94 18.75 13.12
N GLU A 169 10.43 19.92 13.52
CA GLU A 169 10.53 21.05 12.63
C GLU A 169 11.72 20.87 11.71
N ASP A 170 11.52 21.24 10.44
CA ASP A 170 12.49 21.03 9.37
C ASP A 170 12.92 19.56 9.23
N ALA A 171 12.00 18.68 9.56
CA ALA A 171 12.20 17.22 9.42
C ALA A 171 12.56 16.84 8.01
N THR A 172 12.03 17.57 7.03
CA THR A 172 12.22 17.18 5.65
C THR A 172 13.60 17.55 5.11
N ARG A 173 14.42 18.29 5.88
CA ARG A 173 15.81 18.50 5.53
C ARG A 173 16.77 17.93 6.60
N ALA A 174 16.24 17.21 7.54
CA ALA A 174 17.02 16.63 8.62
C ALA A 174 17.68 15.33 8.18
N ASP A 175 18.76 14.98 8.88
CA ASP A 175 19.37 13.65 8.75
C ASP A 175 18.31 12.60 9.10
N TYR A 176 18.01 11.70 8.18
CA TYR A 176 16.93 10.75 8.40
C TYR A 176 17.20 9.76 9.56
N GLN A 177 18.43 9.32 9.70
CA GLN A 177 18.81 8.52 10.85
C GLN A 177 18.53 9.25 12.14
N TYR A 178 18.85 10.54 12.18
CA TYR A 178 18.59 11.34 13.37
C TYR A 178 17.10 11.48 13.61
N LEU A 179 16.35 11.79 12.55
CA LEU A 179 14.90 11.83 12.66
C LEU A 179 14.33 10.57 13.32
N LEU A 180 14.82 9.40 12.92
CA LEU A 180 14.32 8.15 13.50
C LEU A 180 14.63 8.09 15.00
N GLU A 181 15.84 8.50 15.38
CA GLU A 181 16.27 8.58 16.77
C GLU A 181 15.37 9.57 17.56
N VAL A 182 15.10 10.72 16.93
CA VAL A 182 14.19 11.71 17.53
C VAL A 182 12.86 11.08 17.82
N ILE A 183 12.30 10.35 16.86
CA ILE A 183 10.97 9.75 17.03
C ILE A 183 10.93 8.69 18.15
N LYS A 184 11.96 7.86 18.23
CA LYS A 184 12.09 6.86 19.30
C LYS A 184 12.13 7.55 20.64
N THR A 185 12.97 8.58 20.71
CA THR A 185 13.10 9.39 21.93
C THR A 185 11.75 9.91 22.41
N VAL A 186 11.01 10.59 21.53
CA VAL A 186 9.74 11.19 21.97
C VAL A 186 8.65 10.17 22.24
N ARG A 187 8.65 9.10 21.45
CA ARG A 187 7.81 7.96 21.76
C ARG A 187 8.06 7.46 23.19
N ASP A 188 9.31 7.11 23.49
CA ASP A 188 9.68 6.61 24.83
C ASP A 188 9.28 7.60 25.93
N ALA A 189 9.36 8.89 25.63
CA ALA A 189 9.02 9.93 26.61
C ALA A 189 7.53 10.21 26.77
N GLY A 190 6.70 9.63 25.90
CA GLY A 190 5.25 9.65 26.08
C GLY A 190 4.42 10.33 24.99
N ALA A 191 5.04 10.79 23.91
CA ALA A 191 4.27 11.44 22.82
C ALA A 191 3.52 10.36 22.07
N ASP A 192 2.23 10.58 21.76
CA ASP A 192 1.48 9.63 20.96
C ASP A 192 1.32 10.03 19.49
N ARG A 193 1.66 11.28 19.15
CA ARG A 193 1.62 11.78 17.76
C ARG A 193 2.92 12.50 17.47
N VAL A 194 3.38 12.39 16.23
CA VAL A 194 4.51 13.16 15.76
C VAL A 194 4.10 13.86 14.47
N SER A 195 4.33 15.18 14.40
CA SER A 195 4.16 15.91 13.15
C SER A 195 5.47 16.04 12.43
N ILE A 196 5.45 15.62 11.17
CA ILE A 196 6.59 15.73 10.28
C ILE A 196 6.36 17.05 9.52
N ALA A 197 7.24 18.03 9.74
CA ALA A 197 7.05 19.38 9.19
C ALA A 197 7.93 19.63 8.02
N ASP A 198 7.30 19.86 6.89
CA ASP A 198 8.00 20.32 5.72
C ASP A 198 7.98 21.84 5.83
N THR A 199 8.82 22.31 6.74
CA THR A 199 8.93 23.71 7.12
C THR A 199 9.15 24.67 5.96
N VAL A 200 9.95 24.26 4.97
CA VAL A 200 10.25 25.14 3.84
C VAL A 200 9.69 24.63 2.50
N GLY A 201 8.81 23.62 2.57
CA GLY A 201 8.01 23.21 1.42
C GLY A 201 8.80 22.50 0.33
N VAL A 202 9.78 21.70 0.73
CA VAL A 202 10.73 21.07 -0.22
C VAL A 202 10.48 19.58 -0.44
N LEU A 203 9.43 19.04 0.14
CA LEU A 203 9.08 17.65 -0.11
C LEU A 203 8.66 17.47 -1.57
N TYR A 204 9.08 16.35 -2.18
CA TYR A 204 8.56 15.93 -3.48
C TYR A 204 7.53 14.84 -3.22
N PRO A 205 6.33 14.97 -3.79
CA PRO A 205 5.21 14.09 -3.43
C PRO A 205 5.49 12.56 -3.40
N SER A 206 6.11 12.02 -4.43
CA SER A 206 6.36 10.56 -4.43
C SER A 206 7.27 10.21 -3.27
N ARG A 207 8.20 11.10 -2.94
CA ARG A 207 9.06 10.89 -1.81
C ARG A 207 8.36 11.03 -0.49
N THR A 208 7.40 11.95 -0.40
CA THR A 208 6.56 12.06 0.79
C THR A 208 5.85 10.72 1.10
N ARG A 209 5.29 10.07 0.09
CA ARG A 209 4.59 8.82 0.31
C ARG A 209 5.48 7.74 0.92
N GLU A 210 6.69 7.66 0.40
CA GLU A 210 7.71 6.74 0.85
C GLU A 210 8.08 7.04 2.28
N LEU A 211 8.22 8.32 2.58
CA LEU A 211 8.63 8.76 3.92
C LEU A 211 7.61 8.29 4.94
N PHE A 212 6.35 8.54 4.67
CA PHE A 212 5.32 8.16 5.62
C PHE A 212 5.03 6.66 5.68
N LYS A 213 5.18 5.99 4.54
CA LYS A 213 5.08 4.53 4.52
C LYS A 213 6.16 3.96 5.46
N ASP A 214 7.40 4.41 5.29
CA ASP A 214 8.51 3.97 6.14
C ASP A 214 8.26 4.28 7.62
N LEU A 215 7.98 5.54 7.95
CA LEU A 215 7.72 5.92 9.34
C LEU A 215 6.57 5.17 10.00
N THR A 216 5.44 5.03 9.32
CA THR A 216 4.30 4.32 9.89
C THR A 216 4.61 2.83 10.10
N SER A 217 5.42 2.25 9.19
CA SER A 217 5.79 0.85 9.30
C SER A 217 6.73 0.66 10.48
N ARG A 218 7.60 1.65 10.73
CA ARG A 218 8.54 1.57 11.85
C ARG A 218 7.99 1.88 13.22
N PHE A 219 6.95 2.70 13.31
CA PHE A 219 6.47 3.19 14.59
C PHE A 219 4.97 3.03 14.65
N PRO A 220 4.52 1.77 14.71
CA PRO A 220 3.10 1.49 14.65
C PRO A 220 2.35 1.93 15.90
N ASP A 221 3.06 2.25 16.98
CA ASP A 221 2.42 2.74 18.18
C ASP A 221 2.23 4.26 18.17
N ILE A 222 2.78 4.96 17.15
CA ILE A 222 2.67 6.44 16.96
C ILE A 222 1.78 6.77 15.73
N GLU A 223 1.02 7.85 15.78
CA GLU A 223 0.35 8.36 14.57
C GLU A 223 1.03 9.64 14.10
N PHE A 224 1.00 9.87 12.80
CA PHE A 224 1.82 10.90 12.21
C PHE A 224 0.95 11.98 11.55
N ASP A 225 1.40 13.22 11.71
CA ASP A 225 0.81 14.38 11.02
C ASP A 225 1.75 14.84 9.89
N ILE A 226 1.16 15.46 8.87
CA ILE A 226 1.90 16.16 7.85
C ILE A 226 1.58 17.65 7.93
N HIS A 227 2.62 18.46 7.99
CA HIS A 227 2.52 19.90 8.06
C HIS A 227 3.35 20.41 6.89
N ALA A 228 2.66 20.85 5.85
CA ALA A 228 3.31 21.09 4.58
C ALA A 228 3.13 22.53 4.09
N HIS A 229 4.24 23.23 3.96
CA HIS A 229 4.32 24.54 3.37
C HIS A 229 4.35 24.51 1.87
N ASN A 230 3.87 25.62 1.28
CA ASN A 230 3.64 25.70 -0.16
C ASN A 230 4.70 26.46 -0.95
N ASP A 231 5.93 26.54 -0.43
CA ASP A 231 6.96 27.36 -1.09
C ASP A 231 7.22 27.00 -2.53
N LEU A 232 7.09 25.71 -2.87
CA LEU A 232 7.23 25.28 -4.25
C LEU A 232 5.91 24.83 -4.88
N GLY A 233 4.81 25.24 -4.28
CA GLY A 233 3.50 25.02 -4.87
C GLY A 233 3.00 23.59 -4.76
N MET A 234 3.54 22.79 -3.83
CA MET A 234 3.19 21.40 -3.78
C MET A 234 2.63 20.93 -2.47
N ALA A 235 2.17 21.85 -1.63
CA ALA A 235 1.60 21.47 -0.34
C ALA A 235 0.46 20.48 -0.45
N VAL A 236 -0.51 20.73 -1.35
CA VAL A 236 -1.66 19.84 -1.48
C VAL A 236 -1.22 18.42 -1.91
N ALA A 237 -0.36 18.38 -2.90
CA ALA A 237 0.08 17.09 -3.41
C ALA A 237 0.87 16.33 -2.34
N ASN A 238 1.62 17.06 -1.52
CA ASN A 238 2.37 16.45 -0.45
C ASN A 238 1.50 15.89 0.67
N VAL A 239 0.43 16.60 1.02
CA VAL A 239 -0.42 16.08 2.07
C VAL A 239 -1.20 14.84 1.61
N LEU A 240 -1.62 14.80 0.34
CA LEU A 240 -2.33 13.62 -0.16
C LEU A 240 -1.32 12.46 -0.19
N ALA A 241 -0.11 12.72 -0.63
CA ALA A 241 0.91 11.66 -0.68
C ALA A 241 1.21 11.11 0.74
N ALA A 242 1.25 12.02 1.72
CA ALA A 242 1.45 11.61 3.10
C ALA A 242 0.33 10.72 3.59
N ALA A 243 -0.90 11.09 3.26
CA ALA A 243 -2.07 10.29 3.59
C ALA A 243 -2.03 8.90 2.95
N GLU A 244 -1.56 8.81 1.71
CA GLU A 244 -1.34 7.52 1.02
C GLU A 244 -0.40 6.66 1.83
N GLY A 245 0.66 7.29 2.35
CA GLY A 245 1.65 6.64 3.18
C GLY A 245 1.27 6.34 4.61
N GLY A 246 0.08 6.77 5.04
CA GLY A 246 -0.44 6.46 6.36
C GLY A 246 -0.51 7.61 7.37
N ALA A 247 -0.19 8.85 6.97
CA ALA A 247 -0.40 9.98 7.87
C ALA A 247 -1.87 10.02 8.24
N THR A 248 -2.20 10.17 9.51
CA THR A 248 -3.60 10.22 9.88
C THR A 248 -4.13 11.62 10.19
N ILE A 249 -3.27 12.62 10.19
CA ILE A 249 -3.71 14.02 10.36
C ILE A 249 -2.99 14.89 9.35
N ILE A 250 -3.77 15.69 8.62
CA ILE A 250 -3.28 16.66 7.68
C ILE A 250 -3.51 18.06 8.28
N HIS A 251 -2.46 18.84 8.36
CA HIS A 251 -2.58 20.21 8.85
C HIS A 251 -3.02 21.10 7.70
N THR A 252 -3.97 21.97 7.99
CA THR A 252 -4.42 22.93 7.00
C THR A 252 -4.62 24.33 7.60
N THR A 253 -4.71 25.32 6.73
CA THR A 253 -5.31 26.60 7.07
C THR A 253 -6.36 26.94 6.03
N LEU A 254 -7.34 27.72 6.43
CA LEU A 254 -8.23 28.30 5.43
C LEU A 254 -7.41 29.20 4.51
N ASN A 255 -7.66 29.08 3.22
CA ASN A 255 -7.18 30.06 2.25
C ASN A 255 -5.68 30.05 2.03
N GLY A 256 -4.99 29.03 2.50
CA GLY A 256 -3.54 28.99 2.32
C GLY A 256 -2.81 30.03 3.16
N LEU A 257 -3.42 30.40 4.28
CA LEU A 257 -2.69 31.24 5.25
C LEU A 257 -1.45 30.52 5.85
N GLY A 258 -0.51 31.32 6.35
CA GLY A 258 0.62 30.88 7.13
C GLY A 258 1.86 31.71 6.89
N GLU A 259 2.95 31.38 7.56
CA GLU A 259 4.23 32.00 7.26
C GLU A 259 4.50 31.95 5.78
N ARG A 260 5.03 33.05 5.26
CA ARG A 260 5.50 33.19 3.91
C ARG A 260 4.37 32.92 2.91
N VAL A 261 4.34 31.75 2.27
CA VAL A 261 3.25 31.41 1.32
C VAL A 261 2.21 30.48 1.88
N GLY A 262 2.35 30.17 3.15
CA GLY A 262 1.33 29.42 3.88
C GLY A 262 1.45 27.90 3.72
N ILE A 263 0.49 27.19 4.31
CA ILE A 263 0.43 25.72 4.26
C ILE A 263 -0.74 25.24 3.43
N ALA A 264 -0.87 23.92 3.33
CA ALA A 264 -1.95 23.31 2.54
C ALA A 264 -3.31 23.94 2.85
N PRO A 265 -4.03 24.41 1.81
CA PRO A 265 -5.29 25.07 2.12
C PRO A 265 -6.46 24.12 2.29
N LEU A 266 -7.24 24.33 3.35
CA LEU A 266 -8.30 23.42 3.71
C LEU A 266 -9.26 23.10 2.56
N GLN A 267 -9.70 24.14 1.85
CA GLN A 267 -10.73 23.92 0.82
C GLN A 267 -10.22 23.06 -0.32
N VAL A 268 -8.94 23.20 -0.66
CA VAL A 268 -8.37 22.45 -1.77
C VAL A 268 -8.08 21.02 -1.32
N VAL A 269 -7.49 20.87 -0.14
CA VAL A 269 -7.23 19.55 0.45
C VAL A 269 -8.50 18.73 0.57
N ALA A 270 -9.56 19.35 1.07
CA ALA A 270 -10.82 18.67 1.26
C ALA A 270 -11.41 18.17 -0.07
N ALA A 271 -11.36 19.03 -1.09
CA ALA A 271 -11.82 18.67 -2.40
C ALA A 271 -10.96 17.57 -3.02
N ALA A 272 -9.64 17.66 -2.87
CA ALA A 272 -8.75 16.68 -3.48
C ALA A 272 -8.94 15.30 -2.80
N LEU A 273 -9.14 15.30 -1.49
CA LEU A 273 -9.45 14.06 -0.77
C LEU A 273 -10.80 13.47 -1.23
N LYS A 274 -11.81 14.30 -1.45
CA LYS A 274 -13.07 13.82 -2.00
C LYS A 274 -12.89 13.16 -3.35
N TYR A 275 -12.25 13.86 -4.28
CA TYR A 275 -12.06 13.35 -5.62
C TYR A 275 -11.18 12.10 -5.65
N HIS A 276 -10.01 12.18 -5.03
CA HIS A 276 -9.01 11.14 -5.18
C HIS A 276 -9.12 9.97 -4.17
N PHE A 277 -9.74 10.21 -3.01
CA PHE A 277 -9.85 9.20 -1.96
C PHE A 277 -11.29 8.82 -1.67
N GLY A 278 -12.23 9.56 -2.21
CA GLY A 278 -13.65 9.27 -2.05
C GLY A 278 -14.23 9.58 -0.68
N ILE A 279 -13.59 10.46 0.09
CA ILE A 279 -14.04 10.76 1.44
C ILE A 279 -14.34 12.25 1.65
N GLU A 280 -15.12 12.53 2.68
CA GLU A 280 -15.56 13.89 3.02
C GLU A 280 -15.08 14.20 4.45
N VAL A 281 -13.92 14.83 4.54
CA VAL A 281 -13.27 15.06 5.85
C VAL A 281 -13.80 16.28 6.59
N VAL A 282 -14.50 17.14 5.86
CA VAL A 282 -15.27 18.26 6.41
C VAL A 282 -16.53 18.46 5.56
N ASP A 283 -17.46 19.28 6.03
CA ASP A 283 -18.65 19.59 5.27
C ASP A 283 -18.27 20.40 4.01
N LEU A 284 -18.22 19.73 2.86
CA LEU A 284 -17.79 20.38 1.63
C LEU A 284 -18.63 21.57 1.21
N LYS A 285 -19.89 21.56 1.60
CA LYS A 285 -20.81 22.58 1.17
C LYS A 285 -20.65 23.88 1.93
N LYS A 286 -19.84 23.86 3.00
CA LYS A 286 -19.63 25.02 3.84
C LYS A 286 -18.22 25.63 3.70
N LEU A 287 -17.43 25.12 2.77
CA LEU A 287 -16.09 25.64 2.55
C LEU A 287 -16.11 27.12 2.15
N SER A 288 -16.99 27.51 1.23
CA SER A 288 -17.07 28.90 0.81
C SER A 288 -17.35 29.85 1.97
N GLU A 289 -18.28 29.45 2.85
CA GLU A 289 -18.69 30.30 3.96
C GLU A 289 -17.55 30.48 4.94
N VAL A 290 -16.83 29.39 5.25
CA VAL A 290 -15.74 29.48 6.19
C VAL A 290 -14.55 30.23 5.59
N ALA A 291 -14.27 29.98 4.33
CA ALA A 291 -13.22 30.71 3.62
C ALA A 291 -13.50 32.23 3.62
N SER A 292 -14.76 32.57 3.40
CA SER A 292 -15.19 33.98 3.36
C SER A 292 -15.04 34.66 4.74
N LEU A 293 -15.39 33.92 5.79
CA LEU A 293 -15.15 34.37 7.17
C LEU A 293 -13.69 34.66 7.49
N VAL A 294 -12.81 33.77 7.08
CA VAL A 294 -11.40 33.96 7.37
C VAL A 294 -10.86 35.09 6.52
N GLU A 295 -11.38 35.20 5.31
CA GLU A 295 -10.96 36.27 4.45
C GLU A 295 -11.33 37.63 5.08
N LYS A 296 -12.54 37.71 5.59
CA LYS A 296 -12.96 38.92 6.29
C LYS A 296 -12.04 39.27 7.48
N TYR A 297 -11.72 38.33 8.37
CA TYR A 297 -10.93 38.66 9.55
C TYR A 297 -9.43 38.79 9.29
N SER A 298 -8.93 38.04 8.29
CA SER A 298 -7.51 38.07 7.95
C SER A 298 -7.19 39.31 7.15
N GLY A 299 -8.18 39.80 6.43
CA GLY A 299 -8.01 40.93 5.54
C GLY A 299 -7.25 40.63 4.26
N ILE A 300 -6.98 39.35 3.96
CA ILE A 300 -6.29 38.99 2.69
C ILE A 300 -7.34 38.38 1.77
N ALA A 301 -7.56 39.01 0.63
CA ALA A 301 -8.55 38.53 -0.33
C ALA A 301 -8.05 37.29 -1.03
N LEU A 302 -8.93 36.34 -1.28
CA LEU A 302 -8.60 35.19 -2.11
C LEU A 302 -8.57 35.66 -3.57
N PRO A 303 -7.57 35.23 -4.35
CA PRO A 303 -7.63 35.56 -5.74
C PRO A 303 -8.82 34.85 -6.42
N PRO A 304 -9.29 35.38 -7.55
CA PRO A 304 -10.46 34.75 -8.17
C PRO A 304 -10.17 33.35 -8.72
N ASN A 305 -8.90 33.03 -8.92
CA ASN A 305 -8.51 31.70 -9.40
C ASN A 305 -8.21 30.68 -8.29
N PHE A 306 -8.57 30.99 -7.04
CA PHE A 306 -8.28 30.08 -5.97
C PHE A 306 -9.14 28.83 -6.15
N PRO A 307 -8.51 27.65 -6.06
CA PRO A 307 -9.32 26.44 -6.30
C PRO A 307 -10.51 26.29 -5.34
N ILE A 308 -11.60 25.74 -5.85
CA ILE A 308 -12.79 25.32 -5.09
C ILE A 308 -13.67 26.49 -4.63
N THR A 309 -13.09 27.44 -3.89
CA THR A 309 -13.83 28.58 -3.37
C THR A 309 -13.61 29.85 -4.20
N GLY A 310 -12.67 29.84 -5.12
CA GLY A 310 -12.40 31.04 -5.89
C GLY A 310 -13.54 31.49 -6.78
N ASP A 311 -13.63 32.80 -6.98
CA ASP A 311 -14.68 33.35 -7.84
C ASP A 311 -14.84 32.58 -9.15
N TYR A 312 -13.73 32.24 -9.81
CA TYR A 312 -13.78 31.65 -11.13
C TYR A 312 -13.81 30.14 -11.22
N ALA A 313 -13.80 29.43 -10.08
CA ALA A 313 -13.63 27.98 -10.08
C ALA A 313 -14.64 27.25 -10.98
N PHE A 314 -15.87 27.72 -11.02
CA PHE A 314 -16.90 27.11 -11.87
C PHE A 314 -17.46 28.14 -12.90
N VAL A 315 -16.59 29.05 -13.36
CA VAL A 315 -16.95 30.01 -14.40
C VAL A 315 -16.22 29.65 -15.70
N HIS A 316 -16.99 29.39 -16.74
CA HIS A 316 -16.44 29.08 -18.05
C HIS A 316 -16.47 30.34 -18.95
N LYS A 317 -15.56 30.41 -19.91
CA LYS A 317 -15.45 31.56 -20.81
C LYS A 317 -15.44 31.19 -22.30
N ALA A 318 -14.49 30.33 -22.71
CA ALA A 318 -14.33 30.07 -24.13
C ALA A 318 -15.59 29.50 -24.74
N GLY A 319 -15.92 29.98 -25.93
CA GLY A 319 -17.15 29.55 -26.59
C GLY A 319 -17.29 28.06 -26.68
N VAL A 320 -16.19 27.41 -27.03
CA VAL A 320 -16.17 25.96 -27.16
C VAL A 320 -16.50 25.30 -25.84
N HIS A 321 -15.96 25.81 -24.76
CA HIS A 321 -16.25 25.26 -23.43
C HIS A 321 -17.71 25.44 -23.01
N VAL A 322 -18.23 26.65 -23.21
CA VAL A 322 -19.63 26.97 -22.81
C VAL A 322 -20.61 26.10 -23.60
N ALA A 323 -20.40 25.99 -24.91
CA ALA A 323 -21.20 25.09 -25.76
C ALA A 323 -21.21 23.64 -25.23
N GLY A 324 -20.04 23.15 -24.82
CA GLY A 324 -19.98 21.79 -24.27
C GLY A 324 -20.72 21.67 -22.96
N VAL A 325 -20.52 22.64 -22.10
CA VAL A 325 -21.14 22.69 -20.78
C VAL A 325 -22.64 22.77 -20.87
N LEU A 326 -23.15 23.51 -21.86
CA LEU A 326 -24.58 23.60 -22.04
C LEU A 326 -25.20 22.27 -22.41
N ASN A 327 -24.45 21.41 -23.11
CA ASN A 327 -24.88 20.04 -23.37
C ASN A 327 -24.66 19.06 -22.20
N ASP A 328 -23.50 19.15 -21.55
CA ASP A 328 -23.13 18.30 -20.42
C ASP A 328 -22.03 19.01 -19.63
N PRO A 329 -22.39 19.60 -18.49
CA PRO A 329 -21.41 20.30 -17.65
C PRO A 329 -20.17 19.49 -17.30
N LYS A 330 -20.29 18.16 -17.27
CA LYS A 330 -19.16 17.35 -16.91
C LYS A 330 -18.00 17.49 -17.87
N THR A 331 -18.27 17.96 -19.09
CA THR A 331 -17.23 18.22 -20.06
C THR A 331 -16.09 19.10 -19.52
N TYR A 332 -16.42 20.09 -18.69
CA TYR A 332 -15.39 21.01 -18.18
C TYR A 332 -15.41 21.22 -16.68
N GLU A 333 -16.09 20.33 -15.96
CA GLU A 333 -16.23 20.40 -14.54
C GLU A 333 -15.75 19.10 -13.89
N PHE A 334 -14.69 19.19 -13.08
CA PHE A 334 -14.12 17.99 -12.43
C PHE A 334 -15.14 17.30 -11.53
N LEU A 335 -15.92 18.08 -10.81
CA LEU A 335 -17.06 17.60 -10.03
C LEU A 335 -18.15 18.66 -10.13
N PRO A 336 -19.40 18.29 -9.81
CA PRO A 336 -20.45 19.29 -9.90
C PRO A 336 -20.26 20.44 -8.88
N PRO A 337 -20.56 21.69 -9.27
CA PRO A 337 -20.40 22.81 -8.35
C PRO A 337 -21.21 22.63 -7.09
N GLU A 338 -22.34 21.95 -7.18
CA GLU A 338 -23.22 21.71 -6.03
C GLU A 338 -22.50 20.90 -4.95
N THR A 339 -21.48 20.16 -5.34
CA THR A 339 -20.67 19.42 -4.38
C THR A 339 -20.18 20.34 -3.29
N PHE A 340 -19.88 21.58 -3.68
CA PHE A 340 -19.38 22.58 -2.76
C PHE A 340 -20.41 23.68 -2.45
N GLY A 341 -21.68 23.42 -2.71
CA GLY A 341 -22.72 24.43 -2.49
C GLY A 341 -22.65 25.60 -3.46
N ARG A 342 -21.99 25.41 -4.60
CA ARG A 342 -21.84 26.48 -5.59
C ARG A 342 -22.62 26.21 -6.85
N SER A 343 -22.69 27.21 -7.72
CA SER A 343 -23.35 27.10 -9.02
C SER A 343 -22.43 27.61 -10.11
N ARG A 344 -22.55 27.07 -11.29
CA ARG A 344 -21.67 27.45 -12.38
C ARG A 344 -22.14 28.77 -12.96
N ASP A 345 -21.29 29.35 -13.77
CA ASP A 345 -21.63 30.55 -14.49
C ASP A 345 -20.78 30.55 -15.73
N TYR A 346 -21.07 31.46 -16.65
CA TYR A 346 -20.15 31.72 -17.73
C TYR A 346 -20.08 33.21 -18.05
N VAL A 347 -18.99 33.63 -18.64
CA VAL A 347 -18.79 35.04 -18.98
C VAL A 347 -18.81 35.18 -20.50
N ILE A 348 -19.02 36.40 -21.00
CA ILE A 348 -19.03 36.67 -22.42
C ILE A 348 -18.10 37.82 -22.75
N ASP A 349 -17.13 37.56 -23.63
CA ASP A 349 -16.21 38.55 -24.15
C ASP A 349 -15.80 38.10 -25.55
N LYS A 350 -14.71 38.62 -26.11
CA LYS A 350 -14.37 38.26 -27.49
C LYS A 350 -14.08 36.77 -27.71
N TYR A 351 -14.00 36.00 -26.62
CA TYR A 351 -13.73 34.55 -26.71
C TYR A 351 -15.01 33.74 -26.84
N THR A 352 -16.17 34.39 -26.89
CA THR A 352 -17.42 33.66 -26.84
C THR A 352 -17.76 33.09 -28.21
N GLY A 353 -18.86 32.37 -28.24
CA GLY A 353 -19.40 31.83 -29.47
C GLY A 353 -20.89 31.91 -29.52
N LYS A 354 -21.44 31.43 -30.62
CA LYS A 354 -22.89 31.55 -30.88
C LYS A 354 -23.75 30.83 -29.84
N HIS A 355 -23.37 29.62 -29.42
CA HIS A 355 -24.16 28.91 -28.40
C HIS A 355 -24.24 29.65 -27.07
N ALA A 356 -23.14 30.25 -26.65
CA ALA A 356 -23.11 30.98 -25.40
C ALA A 356 -23.96 32.23 -25.50
N VAL A 357 -23.80 32.95 -26.61
CA VAL A 357 -24.57 34.20 -26.80
C VAL A 357 -26.08 33.86 -26.88
N LYS A 358 -26.45 32.84 -27.66
CA LYS A 358 -27.83 32.40 -27.74
C LYS A 358 -28.39 32.04 -26.38
N ASP A 359 -27.61 31.30 -25.59
CA ASP A 359 -28.08 30.87 -24.29
C ASP A 359 -28.38 32.05 -23.35
N ARG A 360 -27.50 33.05 -23.33
CA ARG A 360 -27.71 34.22 -22.49
C ARG A 360 -28.94 35.06 -22.95
N PHE A 361 -29.08 35.27 -24.25
CA PHE A 361 -30.32 35.92 -24.74
C PHE A 361 -31.58 35.14 -24.38
N ASP A 362 -31.52 33.82 -24.48
CA ASP A 362 -32.64 32.99 -24.03
C ASP A 362 -33.00 33.25 -22.56
N ARG A 363 -31.98 33.30 -21.71
CA ARG A 363 -32.17 33.62 -20.31
C ARG A 363 -32.82 35.01 -20.14
N LEU A 364 -32.40 35.98 -20.92
CA LEU A 364 -32.97 37.34 -20.84
C LEU A 364 -34.35 37.46 -21.45
N GLY A 365 -34.82 36.41 -22.12
CA GLY A 365 -36.12 36.39 -22.78
C GLY A 365 -36.11 37.13 -24.13
N VAL A 366 -34.95 37.26 -24.76
CA VAL A 366 -34.85 38.03 -25.97
C VAL A 366 -34.69 37.06 -27.12
N LYS A 367 -35.59 37.12 -28.09
CA LYS A 367 -35.58 36.19 -29.20
C LYS A 367 -34.89 36.90 -30.34
N LEU A 368 -33.77 36.35 -30.78
CA LEU A 368 -33.04 36.88 -31.90
C LEU A 368 -32.95 35.79 -32.94
N THR A 369 -32.87 36.19 -34.20
CA THR A 369 -32.73 35.20 -35.25
C THR A 369 -31.29 34.75 -35.28
N ASP A 370 -31.07 33.63 -35.96
CA ASP A 370 -29.74 33.08 -36.12
C ASP A 370 -28.79 34.11 -36.74
N SER A 371 -29.25 34.86 -37.74
CA SER A 371 -28.40 35.88 -38.35
C SER A 371 -28.16 37.11 -37.45
N GLU A 372 -29.16 37.48 -36.65
CA GLU A 372 -29.00 38.52 -35.65
C GLU A 372 -27.93 38.09 -34.62
N ILE A 373 -27.95 36.81 -34.24
CA ILE A 373 -26.95 36.30 -33.30
C ILE A 373 -25.57 36.45 -33.95
N ASP A 374 -25.44 36.11 -35.25
CA ASP A 374 -24.17 36.28 -35.99
C ASP A 374 -23.69 37.69 -35.88
N GLN A 375 -24.61 38.65 -36.03
CA GLN A 375 -24.22 40.05 -36.06
C GLN A 375 -23.80 40.50 -34.67
N VAL A 376 -24.51 40.11 -33.63
CA VAL A 376 -24.08 40.45 -32.27
C VAL A 376 -22.72 39.84 -31.95
N LEU A 377 -22.50 38.60 -32.35
CA LEU A 377 -21.21 37.94 -32.11
C LEU A 377 -20.08 38.72 -32.80
N ALA A 378 -20.32 39.14 -34.03
CA ALA A 378 -19.33 39.93 -34.75
C ALA A 378 -19.02 41.24 -34.06
N LYS A 379 -20.05 41.90 -33.55
CA LYS A 379 -19.84 43.15 -32.83
C LYS A 379 -19.01 42.89 -31.54
N ILE A 380 -19.34 41.83 -30.80
CA ILE A 380 -18.58 41.44 -29.60
C ILE A 380 -17.10 41.25 -29.96
N LYS A 381 -16.84 40.56 -31.06
CA LYS A 381 -15.48 40.20 -31.46
C LYS A 381 -14.74 41.36 -32.13
N SER A 382 -15.44 42.46 -32.44
CA SER A 382 -14.81 43.62 -33.10
C SER A 382 -14.05 44.52 -32.14
N ASN A 383 -14.25 44.36 -30.84
CA ASN A 383 -13.55 45.20 -29.89
C ASN A 383 -12.60 44.34 -28.98
N PRO A 384 -11.28 44.52 -29.12
CA PRO A 384 -10.31 43.65 -28.39
C PRO A 384 -10.19 43.82 -26.88
N ASN A 385 -10.67 44.92 -26.33
CA ASN A 385 -10.29 45.32 -25.01
C ASN A 385 -11.49 45.63 -24.13
N VAL A 386 -12.43 44.69 -24.10
CA VAL A 386 -13.59 44.79 -23.25
C VAL A 386 -13.56 43.54 -22.36
N ARG A 387 -13.63 43.72 -21.06
CA ARG A 387 -13.38 42.59 -20.16
C ARG A 387 -14.57 41.66 -19.94
N PHE A 388 -15.77 42.19 -20.12
CA PHE A 388 -16.98 41.37 -20.10
C PHE A 388 -18.13 42.14 -20.69
N TYR A 389 -19.12 41.41 -21.16
CA TYR A 389 -20.38 41.96 -21.63
C TYR A 389 -21.45 41.65 -20.61
N ARG A 390 -21.93 42.69 -19.94
CA ARG A 390 -23.03 42.57 -19.00
C ARG A 390 -24.32 42.45 -19.76
N ASP A 391 -25.39 42.05 -19.10
CA ASP A 391 -26.65 41.90 -19.77
C ASP A 391 -27.10 43.20 -20.42
N VAL A 392 -26.82 44.35 -19.80
CA VAL A 392 -27.24 45.61 -20.40
C VAL A 392 -26.48 45.86 -21.68
N ASP A 393 -25.22 45.42 -21.73
CA ASP A 393 -24.41 45.55 -22.93
C ASP A 393 -24.98 44.68 -24.04
N LEU A 394 -25.36 43.47 -23.70
CA LEU A 394 -25.90 42.54 -24.68
C LEU A 394 -27.26 43.01 -25.19
N LEU A 395 -28.09 43.55 -24.29
CA LEU A 395 -29.37 44.12 -24.72
C LEU A 395 -29.16 45.28 -25.70
N GLU A 396 -28.18 46.13 -25.45
CA GLU A 396 -27.87 47.23 -26.34
C GLU A 396 -27.35 46.76 -27.69
N LEU A 397 -26.53 45.72 -27.69
CA LEU A 397 -26.12 45.10 -28.93
C LEU A 397 -27.29 44.55 -29.74
N ALA A 398 -28.23 43.86 -29.08
CA ALA A 398 -29.39 43.33 -29.76
C ALA A 398 -30.24 44.45 -30.37
N GLU A 399 -30.43 45.52 -29.61
CA GLU A 399 -31.21 46.70 -30.07
C GLU A 399 -30.59 47.29 -31.33
N SER A 400 -29.27 47.28 -31.35
CA SER A 400 -28.52 47.80 -32.48
C SER A 400 -28.75 46.96 -33.75
N VAL A 401 -29.25 45.74 -33.59
CA VAL A 401 -29.45 44.83 -34.70
C VAL A 401 -30.95 44.73 -35.01
N THR A 402 -31.80 44.73 -33.99
CA THR A 402 -33.24 44.62 -34.20
C THR A 402 -33.96 45.96 -34.49
N GLY A 403 -33.35 47.08 -34.09
CA GLY A 403 -34.05 48.36 -34.00
C GLY A 403 -35.21 48.45 -32.99
N ARG A 404 -35.43 47.38 -32.21
CA ARG A 404 -36.53 47.32 -31.24
C ARG A 404 -36.00 47.51 -29.82
N LEU A 405 -36.84 48.08 -28.96
CA LEU A 405 -36.60 48.13 -27.52
C LEU A 405 -36.72 46.72 -26.98
N GLU A 406 -35.66 46.19 -26.36
CA GLU A 406 -35.67 44.79 -25.92
C GLU A 406 -36.23 44.59 -24.51
N HIS A 409 -36.62 41.00 -19.01
CA HIS A 409 -37.47 39.88 -18.57
C HIS A 409 -36.84 38.93 -17.54
N HIS A 410 -35.52 38.82 -17.54
CA HIS A 410 -34.85 38.02 -16.52
C HIS A 410 -34.91 38.75 -15.16
N HIS A 411 -34.91 37.96 -14.08
CA HIS A 411 -35.13 38.47 -12.73
C HIS A 411 -33.84 38.80 -11.96
N HIS A 412 -32.69 38.43 -12.51
CA HIS A 412 -31.39 38.92 -12.02
C HIS A 412 -30.67 39.78 -13.06
N LYS B 2 1.37 -22.52 16.14
CA LYS B 2 0.09 -23.12 15.64
C LYS B 2 -0.08 -22.92 14.13
N HIS B 3 -0.02 -24.03 13.41
CA HIS B 3 -0.03 -24.04 11.97
C HIS B 3 -1.42 -24.43 11.50
N HIS B 4 -2.34 -23.48 11.68
CA HIS B 4 -3.77 -23.65 11.42
C HIS B 4 -4.06 -23.69 9.93
N HIS B 5 -5.32 -23.86 9.57
CA HIS B 5 -5.69 -24.01 8.16
C HIS B 5 -6.58 -22.88 7.63
N HIS B 6 -6.35 -21.67 8.11
CA HIS B 6 -7.00 -20.49 7.56
C HIS B 6 -5.96 -19.43 7.20
N HIS B 7 -6.42 -18.30 6.71
CA HIS B 7 -5.54 -17.21 6.29
C HIS B 7 -4.63 -16.76 7.43
N HIS B 8 -3.44 -16.28 7.06
CA HIS B 8 -2.50 -15.68 7.99
C HIS B 8 -2.46 -14.17 7.76
N HIS B 9 -2.51 -13.40 8.85
CA HIS B 9 -2.50 -11.94 8.73
C HIS B 9 -1.10 -11.42 8.46
N HIS B 10 -1.00 -10.36 7.67
CA HIS B 10 0.28 -9.71 7.43
C HIS B 10 0.12 -8.21 7.07
N GLY B 11 1.26 -7.53 6.97
CA GLY B 11 1.28 -6.08 6.66
C GLY B 11 2.17 -5.72 5.50
N GLY B 12 2.46 -6.69 4.65
CA GLY B 12 3.30 -6.48 3.48
C GLY B 12 4.75 -6.64 3.90
N LEU B 13 5.64 -5.99 3.15
CA LEU B 13 7.07 -6.08 3.45
C LEU B 13 7.33 -5.51 4.82
N VAL B 14 8.25 -6.14 5.55
CA VAL B 14 8.74 -5.59 6.80
C VAL B 14 9.67 -4.41 6.50
N PRO B 15 9.95 -3.58 7.51
CA PRO B 15 10.73 -2.37 7.20
C PRO B 15 12.15 -2.62 6.70
N ARG B 16 12.67 -1.69 5.93
CA ARG B 16 14.05 -1.76 5.46
C ARG B 16 15.01 -1.88 6.66
N GLY B 17 16.02 -2.76 6.53
CA GLY B 17 16.94 -3.03 7.64
C GLY B 17 16.56 -4.14 8.62
N SER B 18 15.35 -4.71 8.49
CA SER B 18 14.97 -5.92 9.24
C SER B 18 15.39 -7.16 8.45
N LEU B 29 -2.35 -5.53 11.45
CA LEU B 29 -2.12 -6.41 10.29
C LEU B 29 -3.39 -6.56 9.45
N HIS B 30 -3.47 -5.83 8.34
CA HIS B 30 -4.72 -5.73 7.58
C HIS B 30 -4.82 -6.71 6.38
N MET B 31 -3.71 -7.25 5.94
CA MET B 31 -3.68 -8.09 4.76
C MET B 31 -3.74 -9.54 5.19
N LYS B 32 -4.00 -10.45 4.26
CA LYS B 32 -3.99 -11.85 4.63
C LYS B 32 -3.47 -12.69 3.49
N VAL B 33 -2.94 -13.86 3.83
CA VAL B 33 -2.40 -14.73 2.81
C VAL B 33 -2.32 -16.13 3.36
N GLY B 34 -2.50 -17.08 2.47
CA GLY B 34 -2.39 -18.51 2.79
C GLY B 34 -1.91 -19.28 1.58
N ILE B 35 -1.54 -20.53 1.79
CA ILE B 35 -1.01 -21.35 0.73
C ILE B 35 -2.11 -22.24 0.18
N LEU B 36 -2.22 -22.30 -1.13
CA LEU B 36 -2.86 -23.43 -1.77
C LEU B 36 -1.74 -24.26 -2.34
N ASP B 37 -1.62 -25.52 -1.95
CA ASP B 37 -0.64 -26.39 -2.58
C ASP B 37 -1.28 -27.32 -3.59
N SER B 38 -0.70 -27.30 -4.78
CA SER B 38 -1.21 -27.98 -5.94
C SER B 38 -0.26 -29.13 -6.36
N THR B 39 0.53 -29.65 -5.42
CA THR B 39 1.45 -30.77 -5.72
C THR B 39 0.64 -31.94 -6.36
N LEU B 40 -0.60 -32.10 -5.92
CA LEU B 40 -1.47 -33.18 -6.38
C LEU B 40 -2.25 -32.87 -7.64
N ARG B 41 -2.14 -31.66 -8.16
CA ARG B 41 -2.79 -31.31 -9.39
C ARG B 41 -1.71 -30.79 -10.36
N GLU B 42 -1.32 -29.52 -10.23
CA GLU B 42 -0.25 -29.00 -11.07
C GLU B 42 1.01 -29.91 -10.99
N GLY B 43 1.32 -30.39 -9.80
CA GLY B 43 2.54 -31.16 -9.58
C GLY B 43 2.57 -32.49 -10.30
N GLU B 44 1.39 -33.09 -10.49
CA GLU B 44 1.30 -34.37 -11.23
C GLU B 44 1.26 -34.11 -12.73
N GLN B 45 1.33 -32.84 -13.13
CA GLN B 45 1.45 -32.51 -14.52
C GLN B 45 2.92 -32.34 -14.93
N THR B 46 3.84 -32.70 -14.05
CA THR B 46 5.26 -32.65 -14.37
C THR B 46 5.57 -33.87 -15.22
N PRO B 47 6.26 -33.69 -16.35
CA PRO B 47 6.65 -34.88 -17.11
C PRO B 47 7.34 -35.94 -16.27
N GLY B 48 6.86 -37.16 -16.38
CA GLY B 48 7.47 -38.31 -15.71
C GLY B 48 7.07 -38.46 -14.27
N VAL B 49 6.23 -37.56 -13.77
CA VAL B 49 5.69 -37.70 -12.42
C VAL B 49 4.25 -38.21 -12.47
N VAL B 50 4.03 -39.33 -11.81
CA VAL B 50 2.68 -39.78 -11.45
C VAL B 50 2.68 -40.26 -10.03
N PHE B 51 1.58 -40.06 -9.32
CA PHE B 51 1.42 -40.58 -7.99
C PHE B 51 0.36 -41.68 -7.98
N THR B 52 0.59 -42.69 -7.13
CA THR B 52 -0.45 -43.65 -6.83
C THR B 52 -1.43 -43.02 -5.87
N THR B 53 -2.58 -43.66 -5.77
CA THR B 53 -3.65 -43.22 -4.91
C THR B 53 -3.18 -43.13 -3.47
N ASP B 54 -2.43 -44.15 -3.03
CA ASP B 54 -1.85 -44.15 -1.70
C ASP B 54 -0.91 -42.94 -1.47
N GLN B 55 -0.05 -42.67 -2.43
CA GLN B 55 0.93 -41.57 -2.35
C GLN B 55 0.23 -40.20 -2.33
N ARG B 56 -0.80 -40.04 -3.15
CA ARG B 56 -1.66 -38.85 -3.14
C ARG B 56 -2.22 -38.59 -1.74
N VAL B 57 -2.79 -39.63 -1.14
CA VAL B 57 -3.39 -39.51 0.18
C VAL B 57 -2.33 -39.11 1.20
N GLU B 58 -1.17 -39.75 1.12
CA GLU B 58 -0.12 -39.49 2.08
C GLU B 58 0.46 -38.07 1.94
N ILE B 59 0.62 -37.60 0.70
CA ILE B 59 1.03 -36.20 0.46
C ILE B 59 -0.03 -35.22 1.01
N ALA B 60 -1.30 -35.47 0.74
CA ALA B 60 -2.38 -34.63 1.28
C ALA B 60 -2.37 -34.56 2.80
N LYS B 61 -2.15 -35.69 3.46
CA LYS B 61 -2.01 -35.66 4.91
C LYS B 61 -0.84 -34.80 5.39
N ALA B 62 0.32 -34.92 4.75
CA ALA B 62 1.49 -34.13 5.15
C ALA B 62 1.27 -32.60 4.88
N LEU B 63 0.63 -32.28 3.77
CA LEU B 63 0.26 -30.89 3.46
C LEU B 63 -0.66 -30.32 4.55
N SER B 64 -1.66 -31.10 4.93
CA SER B 64 -2.51 -30.71 6.03
C SER B 64 -1.74 -30.53 7.33
N ASP B 65 -0.86 -31.47 7.63
CA ASP B 65 -0.13 -31.46 8.90
C ASP B 65 0.77 -30.21 9.05
N ILE B 66 1.38 -29.76 7.95
CA ILE B 66 2.20 -28.56 8.01
C ILE B 66 1.39 -27.26 7.92
N GLY B 67 0.10 -27.35 7.65
CA GLY B 67 -0.78 -26.19 7.75
C GLY B 67 -1.04 -25.43 6.46
N VAL B 68 -1.08 -26.15 5.35
CA VAL B 68 -1.53 -25.58 4.09
C VAL B 68 -3.04 -25.27 4.16
N GLN B 69 -3.44 -24.11 3.66
CA GLN B 69 -4.83 -23.66 3.77
C GLN B 69 -5.74 -24.45 2.83
N MET B 70 -5.29 -24.60 1.59
CA MET B 70 -6.02 -25.32 0.55
C MET B 70 -5.15 -26.34 -0.15
N ILE B 71 -5.72 -27.54 -0.35
CA ILE B 71 -5.11 -28.59 -1.15
C ILE B 71 -5.90 -28.80 -2.43
N GLU B 72 -5.24 -28.63 -3.56
CA GLU B 72 -5.85 -28.88 -4.82
C GLU B 72 -5.57 -30.33 -5.12
N ALA B 73 -6.56 -31.18 -4.90
CA ALA B 73 -6.29 -32.62 -4.83
C ALA B 73 -6.34 -33.31 -6.19
N GLY B 74 -6.77 -32.58 -7.22
CA GLY B 74 -6.70 -33.04 -8.60
C GLY B 74 -7.89 -32.64 -9.46
N HIS B 75 -7.90 -33.19 -10.67
CA HIS B 75 -8.97 -33.02 -11.64
C HIS B 75 -9.62 -34.39 -11.88
N PRO B 76 -10.78 -34.63 -11.26
CA PRO B 76 -11.37 -35.96 -11.21
C PRO B 76 -11.65 -36.59 -12.57
N ALA B 77 -11.93 -35.78 -13.57
CA ALA B 77 -12.24 -36.29 -14.87
C ALA B 77 -11.03 -36.89 -15.60
N VAL B 78 -9.82 -36.68 -15.10
CA VAL B 78 -8.65 -37.02 -15.90
C VAL B 78 -8.47 -38.53 -15.97
N SER B 79 -8.64 -39.20 -14.82
CA SER B 79 -8.49 -40.65 -14.77
C SER B 79 -9.19 -41.24 -13.56
N PRO B 80 -9.47 -42.56 -13.60
CA PRO B 80 -10.10 -43.21 -12.45
C PRO B 80 -9.28 -43.16 -11.16
N ASP B 81 -7.96 -43.33 -11.25
CA ASP B 81 -7.14 -43.28 -10.04
C ASP B 81 -7.12 -41.86 -9.38
N ILE B 82 -7.21 -40.82 -10.18
CA ILE B 82 -7.21 -39.43 -9.66
C ILE B 82 -8.54 -39.22 -8.92
N TYR B 83 -9.62 -39.64 -9.56
CA TYR B 83 -10.95 -39.61 -8.93
C TYR B 83 -10.92 -40.30 -7.59
N GLU B 84 -10.37 -41.51 -7.55
CA GLU B 84 -10.34 -42.29 -6.29
C GLU B 84 -9.49 -41.64 -5.20
N GLY B 85 -8.35 -41.06 -5.60
CA GLY B 85 -7.47 -40.36 -4.64
C GLY B 85 -8.18 -39.19 -3.99
N ILE B 86 -8.88 -38.41 -4.81
CA ILE B 86 -9.59 -37.26 -4.31
C ILE B 86 -10.72 -37.69 -3.37
N ARG B 87 -11.48 -38.69 -3.79
CA ARG B 87 -12.53 -39.25 -2.95
C ARG B 87 -11.95 -39.67 -1.59
N ARG B 88 -10.81 -40.34 -1.58
CA ARG B 88 -10.23 -40.74 -0.29
C ARG B 88 -9.79 -39.52 0.51
N ILE B 89 -9.20 -38.53 -0.16
CA ILE B 89 -8.79 -37.31 0.54
C ILE B 89 -10.02 -36.66 1.19
N ILE B 90 -11.12 -36.60 0.45
CA ILE B 90 -12.35 -35.95 0.97
C ILE B 90 -12.94 -36.72 2.15
N LYS B 91 -12.86 -38.05 2.09
CA LYS B 91 -13.28 -38.87 3.22
C LYS B 91 -12.43 -38.57 4.46
N LEU B 92 -11.12 -38.43 4.27
CA LEU B 92 -10.25 -38.08 5.39
C LEU B 92 -10.56 -36.68 5.93
N LYS B 93 -10.96 -35.77 5.05
CA LYS B 93 -11.37 -34.41 5.49
C LYS B 93 -12.62 -34.47 6.36
N ARG B 94 -13.61 -35.24 5.90
CA ARG B 94 -14.86 -35.42 6.64
C ARG B 94 -14.60 -35.98 8.02
N GLU B 95 -13.67 -36.93 8.10
CA GLU B 95 -13.31 -37.57 9.36
C GLU B 95 -12.42 -36.70 10.22
N GLY B 96 -11.95 -35.57 9.67
CA GLY B 96 -11.15 -34.61 10.43
C GLY B 96 -9.68 -34.95 10.51
N VAL B 97 -9.24 -35.92 9.71
CA VAL B 97 -7.83 -36.28 9.68
C VAL B 97 -7.08 -35.18 8.89
N ILE B 98 -7.61 -34.88 7.72
CA ILE B 98 -7.16 -33.75 6.90
C ILE B 98 -8.04 -32.54 7.22
N LYS B 99 -7.42 -31.37 7.32
CA LYS B 99 -8.11 -30.14 7.74
C LYS B 99 -8.13 -29.04 6.70
N SER B 100 -7.32 -29.15 5.66
CA SER B 100 -7.31 -28.16 4.59
C SER B 100 -8.59 -28.19 3.74
N GLU B 101 -8.87 -27.07 3.08
CA GLU B 101 -9.98 -26.99 2.16
C GLU B 101 -9.56 -27.79 0.92
N ILE B 102 -10.47 -28.66 0.44
CA ILE B 102 -10.16 -29.55 -0.67
C ILE B 102 -10.79 -29.05 -1.96
N VAL B 103 -9.94 -28.82 -2.95
CA VAL B 103 -10.30 -28.17 -4.17
C VAL B 103 -10.19 -29.19 -5.30
N ALA B 104 -11.19 -29.22 -6.17
CA ALA B 104 -11.19 -30.08 -7.34
C ALA B 104 -11.22 -29.22 -8.57
N HIS B 105 -10.38 -29.60 -9.52
CA HIS B 105 -10.27 -28.88 -10.78
C HIS B 105 -11.39 -29.33 -11.72
N SER B 106 -11.73 -28.46 -12.68
CA SER B 106 -12.79 -28.72 -13.64
C SER B 106 -12.65 -27.86 -14.89
N ARG B 107 -12.87 -28.46 -16.05
CA ARG B 107 -13.05 -27.67 -17.24
C ARG B 107 -14.42 -26.99 -17.16
N ALA B 108 -14.67 -26.07 -18.06
CA ALA B 108 -16.01 -25.48 -18.20
C ALA B 108 -16.85 -26.44 -19.03
N VAL B 109 -17.23 -27.57 -18.43
CA VAL B 109 -18.00 -28.61 -19.09
C VAL B 109 -18.82 -29.26 -18.01
N LYS B 110 -20.10 -29.45 -18.31
CA LYS B 110 -21.08 -29.81 -17.29
C LYS B 110 -20.65 -31.07 -16.56
N ARG B 111 -20.10 -32.03 -17.30
CA ARG B 111 -19.72 -33.30 -16.70
C ARG B 111 -18.63 -33.12 -15.62
N ASP B 112 -17.54 -32.43 -15.97
CA ASP B 112 -16.47 -32.13 -14.98
C ASP B 112 -17.05 -31.54 -13.70
N ILE B 113 -18.02 -30.64 -13.85
CA ILE B 113 -18.65 -29.99 -12.70
C ILE B 113 -19.53 -30.91 -11.88
N GLU B 114 -20.40 -31.67 -12.56
CA GLU B 114 -21.23 -32.67 -11.87
C GLU B 114 -20.38 -33.64 -11.06
N VAL B 115 -19.31 -34.13 -11.67
CA VAL B 115 -18.35 -35.03 -11.03
C VAL B 115 -17.67 -34.38 -9.81
N GLY B 116 -17.28 -33.12 -9.96
CA GLY B 116 -16.73 -32.34 -8.86
C GLY B 116 -17.75 -32.15 -7.76
N ALA B 117 -19.00 -31.94 -8.15
CA ALA B 117 -20.10 -31.83 -7.20
C ALA B 117 -20.31 -33.17 -6.53
N GLU B 118 -20.28 -34.22 -7.33
CA GLU B 118 -20.62 -35.57 -6.88
C GLU B 118 -19.63 -36.13 -5.86
N ILE B 119 -18.34 -35.79 -5.97
CA ILE B 119 -17.36 -36.24 -4.94
C ILE B 119 -17.36 -35.40 -3.67
N GLU B 120 -18.11 -34.30 -3.64
CA GLU B 120 -18.25 -33.45 -2.44
C GLU B 120 -16.94 -32.74 -2.07
N ALA B 121 -16.28 -32.20 -3.08
CA ALA B 121 -15.15 -31.31 -2.86
C ALA B 121 -15.64 -30.02 -2.19
N ASP B 122 -14.78 -29.36 -1.41
CA ASP B 122 -15.15 -28.12 -0.73
C ASP B 122 -15.26 -26.98 -1.73
N ARG B 123 -14.51 -27.08 -2.82
CA ARG B 123 -14.51 -26.02 -3.81
C ARG B 123 -14.22 -26.62 -5.16
N ILE B 124 -14.87 -26.10 -6.17
CA ILE B 124 -14.61 -26.44 -7.53
C ILE B 124 -13.93 -25.28 -8.19
N ALA B 125 -12.85 -25.56 -8.92
CA ALA B 125 -12.10 -24.55 -9.64
C ALA B 125 -12.22 -24.80 -11.11
N ILE B 126 -13.00 -23.93 -11.77
CA ILE B 126 -13.20 -23.99 -13.19
C ILE B 126 -12.18 -23.11 -13.88
N PHE B 127 -11.47 -23.66 -14.86
CA PHE B 127 -10.50 -22.86 -15.58
C PHE B 127 -10.99 -22.65 -16.99
N TYR B 128 -10.55 -21.56 -17.59
CA TYR B 128 -10.80 -21.29 -18.97
C TYR B 128 -9.75 -20.28 -19.41
N GLY B 129 -9.30 -20.45 -20.65
CA GLY B 129 -8.26 -19.61 -21.24
C GLY B 129 -8.82 -18.33 -21.85
N ILE B 130 -8.39 -17.18 -21.33
CA ILE B 130 -9.05 -15.92 -21.69
C ILE B 130 -8.18 -14.95 -22.47
N SER B 131 -6.96 -15.38 -22.81
CA SER B 131 -6.15 -14.63 -23.76
C SER B 131 -6.64 -14.90 -25.17
N ASP B 132 -6.30 -13.99 -26.07
CA ASP B 132 -6.64 -14.15 -27.47
C ASP B 132 -6.14 -15.48 -28.06
N THR B 133 -4.87 -15.84 -27.84
CA THR B 133 -4.40 -17.12 -28.41
C THR B 133 -5.18 -18.30 -27.83
N HIS B 134 -5.50 -18.26 -26.55
CA HIS B 134 -6.26 -19.35 -25.95
C HIS B 134 -7.69 -19.42 -26.54
N LEU B 135 -8.36 -18.27 -26.63
CA LEU B 135 -9.71 -18.25 -27.19
C LEU B 135 -9.75 -18.81 -28.61
N LYS B 136 -8.83 -18.37 -29.46
CA LYS B 136 -8.79 -18.78 -30.84
C LYS B 136 -8.26 -20.22 -31.03
N ALA B 137 -7.02 -20.48 -30.57
CA ALA B 137 -6.34 -21.74 -30.91
C ALA B 137 -6.75 -22.92 -30.05
N LYS B 138 -7.18 -22.65 -28.83
CA LYS B 138 -7.50 -23.71 -27.88
C LYS B 138 -9.01 -23.91 -27.65
N HIS B 139 -9.79 -22.82 -27.64
CA HIS B 139 -11.24 -22.90 -27.44
C HIS B 139 -12.06 -22.70 -28.71
N HIS B 140 -11.44 -22.19 -29.77
CA HIS B 140 -12.10 -21.91 -31.04
C HIS B 140 -13.36 -21.09 -30.85
N THR B 141 -13.24 -20.05 -30.02
CA THR B 141 -14.40 -19.28 -29.60
C THR B 141 -14.14 -17.79 -29.67
N THR B 142 -15.17 -17.00 -29.33
CA THR B 142 -15.05 -15.55 -29.34
C THR B 142 -15.07 -15.05 -27.91
N ARG B 143 -14.63 -13.82 -27.72
CA ARG B 143 -14.63 -13.22 -26.39
C ARG B 143 -16.02 -13.27 -25.75
N ASP B 144 -17.03 -12.93 -26.56
CA ASP B 144 -18.42 -12.95 -26.09
C ASP B 144 -18.92 -14.34 -25.78
N GLU B 145 -18.64 -15.30 -26.66
CA GLU B 145 -19.05 -16.68 -26.37
C GLU B 145 -18.39 -17.20 -25.11
N ALA B 146 -17.09 -16.94 -24.95
CA ALA B 146 -16.39 -17.36 -23.75
C ALA B 146 -17.09 -16.88 -22.49
N LEU B 147 -17.45 -15.60 -22.51
CA LEU B 147 -18.17 -14.98 -21.39
C LEU B 147 -19.44 -15.78 -21.05
N ARG B 148 -20.20 -16.17 -22.07
CA ARG B 148 -21.44 -16.95 -21.84
C ARG B 148 -21.10 -18.32 -21.26
N SER B 149 -20.12 -19.02 -21.85
CA SER B 149 -19.74 -20.35 -21.35
C SER B 149 -19.30 -20.30 -19.91
N ILE B 150 -18.45 -19.31 -19.62
CA ILE B 150 -17.96 -19.12 -18.25
C ILE B 150 -19.08 -18.78 -17.27
N ALA B 151 -19.98 -17.91 -17.71
CA ALA B 151 -21.12 -17.57 -16.85
C ALA B 151 -21.99 -18.79 -16.53
N GLU B 152 -22.31 -19.58 -17.54
CA GLU B 152 -23.17 -20.73 -17.32
C GLU B 152 -22.51 -21.74 -16.40
N THR B 153 -21.25 -22.08 -16.69
CA THR B 153 -20.59 -23.15 -15.96
C THR B 153 -20.37 -22.80 -14.51
N VAL B 154 -19.95 -21.56 -14.25
CA VAL B 154 -19.79 -21.09 -12.88
C VAL B 154 -21.14 -21.15 -12.18
N SER B 155 -22.18 -20.68 -12.85
CA SER B 155 -23.54 -20.70 -12.27
C SER B 155 -23.98 -22.12 -11.96
N TYR B 156 -23.79 -23.02 -12.93
CA TYR B 156 -24.11 -24.43 -12.72
C TYR B 156 -23.36 -24.99 -11.50
N ALA B 157 -22.04 -24.75 -11.42
CA ALA B 157 -21.28 -25.26 -10.29
C ALA B 157 -21.83 -24.66 -9.02
N LYS B 158 -22.16 -23.37 -9.06
CA LYS B 158 -22.65 -22.72 -7.84
C LYS B 158 -24.01 -23.26 -7.45
N SER B 159 -24.86 -23.58 -8.43
CA SER B 159 -26.18 -24.15 -8.14
C SER B 159 -26.09 -25.46 -7.37
N HIS B 160 -24.99 -26.19 -7.49
CA HIS B 160 -24.78 -27.42 -6.68
C HIS B 160 -24.45 -27.12 -5.22
N GLY B 161 -24.36 -25.84 -4.85
CA GLY B 161 -24.15 -25.47 -3.45
C GLY B 161 -22.71 -25.62 -3.01
N VAL B 162 -21.79 -25.49 -3.95
CA VAL B 162 -20.37 -25.61 -3.62
C VAL B 162 -19.70 -24.28 -3.95
N LYS B 163 -18.67 -23.91 -3.21
CA LYS B 163 -17.90 -22.70 -3.52
C LYS B 163 -17.13 -22.84 -4.84
N VAL B 164 -17.06 -21.78 -5.63
CA VAL B 164 -16.47 -21.85 -6.96
C VAL B 164 -15.37 -20.82 -7.11
N ARG B 165 -14.19 -21.30 -7.53
CA ARG B 165 -13.13 -20.40 -8.03
C ARG B 165 -13.13 -20.42 -9.53
N PHE B 166 -12.91 -19.28 -10.15
CA PHE B 166 -12.66 -19.27 -11.56
C PHE B 166 -11.19 -19.05 -11.78
N THR B 167 -10.59 -19.84 -12.66
CA THR B 167 -9.19 -19.61 -12.99
C THR B 167 -9.15 -19.00 -14.35
N ALA B 168 -8.57 -17.81 -14.42
CA ALA B 168 -8.31 -17.15 -15.69
C ALA B 168 -6.98 -17.60 -16.21
N GLU B 169 -7.03 -18.60 -17.11
CA GLU B 169 -5.84 -19.14 -17.71
C GLU B 169 -5.25 -18.16 -18.70
N ASP B 170 -3.93 -18.03 -18.66
CA ASP B 170 -3.17 -17.10 -19.50
C ASP B 170 -3.66 -15.65 -19.34
N ALA B 171 -4.13 -15.34 -18.15
CA ALA B 171 -4.55 -13.99 -17.78
C ALA B 171 -3.47 -12.96 -18.02
N THR B 172 -2.21 -13.36 -17.80
CA THR B 172 -1.10 -12.42 -17.81
C THR B 172 -0.71 -12.03 -19.23
N ARG B 173 -1.25 -12.68 -20.27
CA ARG B 173 -1.09 -12.20 -21.62
C ARG B 173 -2.45 -11.86 -22.24
N ALA B 174 -3.50 -11.82 -21.43
CA ALA B 174 -4.81 -11.45 -21.93
C ALA B 174 -4.98 -9.91 -22.03
N ASP B 175 -5.91 -9.51 -22.88
CA ASP B 175 -6.38 -8.12 -22.93
C ASP B 175 -6.93 -7.75 -21.57
N TYR B 176 -6.35 -6.73 -20.95
CA TYR B 176 -6.71 -6.42 -19.57
C TYR B 176 -8.19 -6.01 -19.42
N GLN B 177 -8.68 -5.21 -20.36
CA GLN B 177 -10.13 -4.83 -20.34
C GLN B 177 -10.98 -6.08 -20.37
N TYR B 178 -10.62 -7.05 -21.23
CA TYR B 178 -11.37 -8.29 -21.26
C TYR B 178 -11.30 -9.06 -19.95
N LEU B 179 -10.10 -9.09 -19.35
CA LEU B 179 -9.93 -9.75 -18.07
C LEU B 179 -10.87 -9.16 -17.02
N LEU B 180 -11.00 -7.84 -17.03
CA LEU B 180 -11.93 -7.16 -16.08
C LEU B 180 -13.39 -7.60 -16.32
N GLU B 181 -13.78 -7.73 -17.59
CA GLU B 181 -15.12 -8.21 -17.96
C GLU B 181 -15.30 -9.66 -17.50
N VAL B 182 -14.27 -10.48 -17.74
CA VAL B 182 -14.26 -11.86 -17.25
C VAL B 182 -14.52 -11.92 -15.76
N ILE B 183 -13.78 -11.13 -15.00
CA ILE B 183 -13.93 -11.13 -13.56
C ILE B 183 -15.35 -10.65 -13.15
N LYS B 184 -15.83 -9.56 -13.74
CA LYS B 184 -17.24 -9.13 -13.47
C LYS B 184 -18.19 -10.28 -13.73
N THR B 185 -18.03 -10.91 -14.89
CA THR B 185 -18.90 -12.02 -15.30
C THR B 185 -18.92 -13.16 -14.29
N VAL B 186 -17.75 -13.66 -13.89
CA VAL B 186 -17.73 -14.80 -12.96
C VAL B 186 -18.19 -14.40 -11.58
N ARG B 187 -17.89 -13.18 -11.18
CA ARG B 187 -18.36 -12.67 -9.91
C ARG B 187 -19.90 -12.67 -9.89
N ASP B 188 -20.51 -12.14 -10.93
CA ASP B 188 -21.99 -12.12 -11.03
C ASP B 188 -22.57 -13.53 -11.10
N ALA B 189 -21.84 -14.45 -11.71
CA ALA B 189 -22.29 -15.84 -11.79
C ALA B 189 -22.14 -16.62 -10.48
N GLY B 190 -21.43 -16.06 -9.50
CA GLY B 190 -21.31 -16.67 -8.16
C GLY B 190 -19.93 -17.15 -7.69
N ALA B 191 -18.88 -16.90 -8.47
CA ALA B 191 -17.50 -17.25 -8.02
C ALA B 191 -17.09 -16.33 -6.89
N ASP B 192 -16.53 -16.88 -5.82
CA ASP B 192 -15.97 -16.03 -4.76
C ASP B 192 -14.44 -15.83 -4.86
N ARG B 193 -13.75 -16.66 -5.64
CA ARG B 193 -12.31 -16.49 -5.82
C ARG B 193 -12.01 -16.51 -7.29
N VAL B 194 -11.02 -15.72 -7.68
CA VAL B 194 -10.47 -15.78 -9.04
C VAL B 194 -8.96 -16.05 -8.93
N SER B 195 -8.47 -17.05 -9.65
CA SER B 195 -7.03 -17.26 -9.80
C SER B 195 -6.53 -16.56 -11.02
N ILE B 196 -5.52 -15.73 -10.84
CA ILE B 196 -4.86 -15.08 -11.96
C ILE B 196 -3.65 -15.98 -12.28
N ALA B 197 -3.68 -16.61 -13.46
CA ALA B 197 -2.63 -17.54 -13.85
C ALA B 197 -1.61 -16.90 -14.77
N ASP B 198 -0.36 -16.88 -14.32
CA ASP B 198 0.77 -16.58 -15.17
C ASP B 198 1.20 -17.92 -15.70
N THR B 199 0.35 -18.42 -16.57
CA THR B 199 0.51 -19.69 -17.22
C THR B 199 1.87 -19.96 -17.87
N VAL B 200 2.45 -18.99 -18.55
CA VAL B 200 3.77 -19.17 -19.15
C VAL B 200 4.89 -18.39 -18.44
N GLY B 201 4.65 -17.90 -17.23
CA GLY B 201 5.71 -17.32 -16.39
C GLY B 201 6.32 -16.03 -16.91
N VAL B 202 5.49 -15.16 -17.49
CA VAL B 202 5.98 -13.92 -18.09
C VAL B 202 5.71 -12.63 -17.27
N LEU B 203 5.09 -12.76 -16.12
CA LEU B 203 4.91 -11.63 -15.20
C LEU B 203 6.24 -11.05 -14.74
N TYR B 204 6.34 -9.72 -14.74
CA TYR B 204 7.50 -9.03 -14.14
C TYR B 204 7.07 -8.58 -12.76
N PRO B 205 7.89 -8.88 -11.73
CA PRO B 205 7.43 -8.70 -10.36
C PRO B 205 6.81 -7.34 -10.01
N SER B 206 7.44 -6.23 -10.36
CA SER B 206 6.86 -4.93 -10.00
C SER B 206 5.50 -4.77 -10.68
N ARG B 207 5.33 -5.30 -11.90
CA ARG B 207 4.03 -5.23 -12.57
C ARG B 207 2.97 -6.15 -11.99
N THR B 208 3.40 -7.30 -11.47
CA THR B 208 2.51 -8.15 -10.69
C THR B 208 1.91 -7.43 -9.48
N ARG B 209 2.71 -6.65 -8.76
CA ARG B 209 2.20 -5.95 -7.60
C ARG B 209 1.09 -4.96 -8.02
N GLU B 210 1.36 -4.24 -9.09
CA GLU B 210 0.40 -3.28 -9.65
C GLU B 210 -0.90 -3.96 -10.11
N LEU B 211 -0.77 -5.11 -10.77
CA LEU B 211 -1.92 -5.88 -11.22
C LEU B 211 -2.84 -6.27 -10.08
N PHE B 212 -2.28 -6.85 -9.03
CA PHE B 212 -3.09 -7.29 -7.92
C PHE B 212 -3.65 -6.12 -7.11
N LYS B 213 -2.88 -5.02 -7.07
CA LYS B 213 -3.34 -3.85 -6.36
C LYS B 213 -4.59 -3.32 -7.05
N ASP B 214 -4.52 -3.25 -8.38
CA ASP B 214 -5.64 -2.78 -9.19
C ASP B 214 -6.86 -3.71 -9.07
N LEU B 215 -6.65 -5.01 -9.23
CA LEU B 215 -7.76 -5.96 -9.17
C LEU B 215 -8.44 -6.01 -7.82
N THR B 216 -7.66 -5.94 -6.75
CA THR B 216 -8.22 -6.01 -5.43
C THR B 216 -9.01 -4.74 -5.11
N SER B 217 -8.60 -3.60 -5.68
CA SER B 217 -9.30 -2.36 -5.43
C SER B 217 -10.62 -2.33 -6.21
N ARG B 218 -10.66 -2.96 -7.40
CA ARG B 218 -11.86 -2.96 -8.23
C ARG B 218 -12.88 -4.00 -7.85
N PHE B 219 -12.47 -5.09 -7.21
CA PHE B 219 -13.38 -6.16 -6.89
C PHE B 219 -13.23 -6.57 -5.46
N PRO B 220 -13.69 -5.70 -4.55
CA PRO B 220 -13.44 -5.93 -3.16
C PRO B 220 -14.19 -7.10 -2.60
N ASP B 221 -15.14 -7.63 -3.35
CA ASP B 221 -15.91 -8.78 -2.89
C ASP B 221 -15.41 -10.12 -3.48
N ILE B 222 -14.26 -10.11 -4.13
CA ILE B 222 -13.62 -11.31 -4.69
C ILE B 222 -12.26 -11.41 -3.98
N GLU B 223 -11.80 -12.62 -3.68
CA GLU B 223 -10.38 -12.82 -3.29
C GLU B 223 -9.62 -13.44 -4.45
N PHE B 224 -8.37 -13.03 -4.63
CA PHE B 224 -7.58 -13.41 -5.78
C PHE B 224 -6.44 -14.40 -5.39
N ASP B 225 -6.20 -15.37 -6.27
CA ASP B 225 -5.07 -16.30 -6.14
C ASP B 225 -4.01 -15.89 -7.16
N ILE B 226 -2.75 -16.21 -6.87
CA ILE B 226 -1.71 -16.13 -7.90
C ILE B 226 -1.21 -17.56 -8.20
N HIS B 227 -1.19 -17.89 -9.47
CA HIS B 227 -0.65 -19.15 -9.97
C HIS B 227 0.45 -18.78 -10.92
N ALA B 228 1.70 -18.92 -10.48
CA ALA B 228 2.83 -18.40 -11.24
C ALA B 228 3.83 -19.48 -11.66
N HIS B 229 4.02 -19.61 -12.95
CA HIS B 229 5.04 -20.49 -13.50
C HIS B 229 6.42 -19.87 -13.50
N ASN B 230 7.43 -20.75 -13.56
CA ASN B 230 8.82 -20.39 -13.42
C ASN B 230 9.62 -20.34 -14.70
N ASP B 231 8.98 -20.10 -15.83
CA ASP B 231 9.67 -20.15 -17.11
C ASP B 231 10.84 -19.17 -17.25
N LEU B 232 10.76 -18.03 -16.55
CA LEU B 232 11.84 -17.06 -16.57
C LEU B 232 12.45 -16.89 -15.19
N GLY B 233 12.28 -17.89 -14.32
CA GLY B 233 12.91 -17.92 -13.03
C GLY B 233 12.35 -16.97 -11.99
N MET B 234 11.14 -16.46 -12.20
CA MET B 234 10.64 -15.41 -11.33
C MET B 234 9.32 -15.74 -10.63
N ALA B 235 9.01 -17.04 -10.56
CA ALA B 235 7.77 -17.44 -9.90
C ALA B 235 7.73 -17.02 -8.45
N VAL B 236 8.83 -17.21 -7.70
CA VAL B 236 8.87 -16.78 -6.30
C VAL B 236 8.68 -15.25 -6.18
N ALA B 237 9.41 -14.48 -6.97
CA ALA B 237 9.34 -13.02 -6.89
C ALA B 237 7.94 -12.53 -7.25
N ASN B 238 7.33 -13.20 -8.24
CA ASN B 238 5.97 -12.90 -8.65
C ASN B 238 4.92 -13.18 -7.59
N VAL B 239 5.02 -14.29 -6.88
CA VAL B 239 4.00 -14.57 -5.87
C VAL B 239 4.13 -13.63 -4.66
N LEU B 240 5.35 -13.25 -4.28
CA LEU B 240 5.49 -12.26 -3.18
C LEU B 240 4.95 -10.88 -3.62
N ALA B 241 5.25 -10.49 -4.84
CA ALA B 241 4.69 -9.25 -5.40
C ALA B 241 3.16 -9.27 -5.46
N ALA B 242 2.57 -10.40 -5.87
CA ALA B 242 1.11 -10.57 -5.82
C ALA B 242 0.56 -10.42 -4.42
N ALA B 243 1.24 -11.01 -3.44
CA ALA B 243 0.81 -10.87 -2.05
C ALA B 243 0.91 -9.43 -1.53
N GLU B 244 1.97 -8.72 -1.93
CA GLU B 244 2.10 -7.28 -1.66
C GLU B 244 0.87 -6.55 -2.13
N GLY B 245 0.42 -6.91 -3.33
CA GLY B 245 -0.73 -6.26 -3.95
C GLY B 245 -2.11 -6.70 -3.52
N GLY B 246 -2.22 -7.68 -2.63
CA GLY B 246 -3.53 -8.09 -2.10
C GLY B 246 -3.98 -9.53 -2.37
N ALA B 247 -3.22 -10.31 -3.17
CA ALA B 247 -3.59 -11.75 -3.35
C ALA B 247 -3.61 -12.41 -1.99
N THR B 248 -4.65 -13.20 -1.73
CA THR B 248 -4.77 -13.84 -0.44
C THR B 248 -4.44 -15.33 -0.50
N ILE B 249 -4.27 -15.88 -1.69
CA ILE B 249 -3.87 -17.27 -1.82
C ILE B 249 -2.73 -17.36 -2.82
N ILE B 250 -1.65 -17.99 -2.39
CA ILE B 250 -0.51 -18.27 -3.26
C ILE B 250 -0.49 -19.77 -3.55
N HIS B 251 -0.50 -20.11 -4.84
CA HIS B 251 -0.37 -21.50 -5.29
C HIS B 251 1.09 -21.96 -5.29
N THR B 252 1.33 -23.14 -4.72
CA THR B 252 2.66 -23.72 -4.71
C THR B 252 2.63 -25.18 -5.11
N THR B 253 3.80 -25.74 -5.37
CA THR B 253 4.01 -27.17 -5.28
C THR B 253 5.28 -27.44 -4.47
N LEU B 254 5.40 -28.63 -3.89
CA LEU B 254 6.72 -28.99 -3.36
C LEU B 254 7.69 -29.05 -4.51
N ASN B 255 8.90 -28.57 -4.25
CA ASN B 255 10.06 -28.87 -5.08
C ASN B 255 10.03 -28.31 -6.47
N GLY B 256 9.15 -27.35 -6.72
CA GLY B 256 9.10 -26.74 -8.05
C GLY B 256 8.47 -27.67 -9.09
N LEU B 257 7.65 -28.62 -8.66
CA LEU B 257 6.92 -29.46 -9.61
C LEU B 257 5.90 -28.63 -10.42
N GLY B 258 5.53 -29.19 -11.58
CA GLY B 258 4.50 -28.63 -12.47
C GLY B 258 4.92 -28.71 -13.92
N GLU B 259 4.00 -28.36 -14.82
CA GLU B 259 4.29 -28.41 -16.24
C GLU B 259 5.56 -27.68 -16.53
N ARG B 260 6.32 -28.22 -17.49
CA ARG B 260 7.56 -27.64 -17.99
C ARG B 260 8.60 -27.38 -16.89
N VAL B 261 8.52 -26.23 -16.22
CA VAL B 261 9.53 -25.86 -15.22
C VAL B 261 8.91 -25.68 -13.88
N GLY B 262 7.59 -25.89 -13.80
CA GLY B 262 6.91 -25.92 -12.54
C GLY B 262 6.48 -24.51 -12.13
N ILE B 263 5.85 -24.44 -10.97
CA ILE B 263 5.36 -23.18 -10.40
C ILE B 263 6.16 -22.90 -9.13
N ALA B 264 5.75 -21.88 -8.39
CA ALA B 264 6.49 -21.43 -7.22
C ALA B 264 6.62 -22.56 -6.18
N PRO B 265 7.87 -22.86 -5.74
CA PRO B 265 8.06 -23.97 -4.82
C PRO B 265 7.74 -23.61 -3.39
N LEU B 266 6.97 -24.46 -2.74
CA LEU B 266 6.49 -24.18 -1.42
C LEU B 266 7.58 -23.80 -0.42
N GLN B 267 8.68 -24.57 -0.42
CA GLN B 267 9.69 -24.34 0.61
C GLN B 267 10.35 -22.95 0.46
N VAL B 268 10.50 -22.49 -0.78
CA VAL B 268 11.15 -21.20 -1.02
C VAL B 268 10.17 -20.05 -0.73
N VAL B 269 8.92 -20.19 -1.19
CA VAL B 269 7.86 -19.22 -0.92
C VAL B 269 7.69 -19.05 0.59
N ALA B 270 7.64 -20.19 1.29
CA ALA B 270 7.45 -20.15 2.72
C ALA B 270 8.61 -19.40 3.42
N ALA B 271 9.84 -19.67 3.01
CA ALA B 271 11.01 -18.99 3.59
C ALA B 271 11.02 -17.51 3.27
N ALA B 272 10.68 -17.21 2.03
CA ALA B 272 10.75 -15.84 1.53
C ALA B 272 9.68 -14.98 2.21
N LEU B 273 8.51 -15.56 2.44
CA LEU B 273 7.49 -14.89 3.22
C LEU B 273 7.91 -14.69 4.67
N LYS B 274 8.62 -15.66 5.24
CA LYS B 274 9.11 -15.51 6.60
C LYS B 274 10.11 -14.36 6.70
N TYR B 275 11.07 -14.31 5.79
CA TYR B 275 12.08 -13.29 5.83
C TYR B 275 11.52 -11.89 5.50
N HIS B 276 10.73 -11.81 4.44
CA HIS B 276 10.31 -10.50 3.93
C HIS B 276 8.99 -9.96 4.47
N PHE B 277 8.11 -10.85 4.91
CA PHE B 277 6.80 -10.47 5.46
C PHE B 277 6.68 -10.80 6.93
N GLY B 278 7.65 -11.54 7.47
CA GLY B 278 7.63 -11.87 8.88
C GLY B 278 6.57 -12.85 9.29
N ILE B 279 6.08 -13.66 8.36
CA ILE B 279 5.02 -14.61 8.71
C ILE B 279 5.42 -16.04 8.43
N GLU B 280 4.68 -16.96 9.03
CA GLU B 280 4.94 -18.39 8.93
C GLU B 280 3.68 -19.11 8.43
N VAL B 281 3.57 -19.27 7.11
CA VAL B 281 2.32 -19.74 6.47
C VAL B 281 2.19 -21.26 6.45
N VAL B 282 3.31 -21.95 6.65
CA VAL B 282 3.33 -23.38 7.00
C VAL B 282 4.40 -23.63 8.07
N ASP B 283 4.40 -24.83 8.65
CA ASP B 283 5.44 -25.23 9.61
C ASP B 283 6.80 -25.32 8.95
N LEU B 284 7.65 -24.31 9.18
CA LEU B 284 8.93 -24.19 8.46
C LEU B 284 9.91 -25.33 8.79
N LYS B 285 9.80 -25.87 9.99
CA LYS B 285 10.64 -26.99 10.40
C LYS B 285 10.27 -28.31 9.76
N LYS B 286 9.13 -28.40 9.07
CA LYS B 286 8.74 -29.63 8.40
C LYS B 286 8.93 -29.60 6.90
N LEU B 287 9.51 -28.52 6.37
CA LEU B 287 9.65 -28.39 4.93
C LEU B 287 10.55 -29.47 4.33
N SER B 288 11.67 -29.79 4.98
CA SER B 288 12.60 -30.80 4.45
C SER B 288 11.94 -32.16 4.37
N GLU B 289 11.21 -32.51 5.42
CA GLU B 289 10.49 -33.79 5.49
C GLU B 289 9.46 -33.94 4.36
N VAL B 290 8.66 -32.91 4.13
CA VAL B 290 7.62 -32.98 3.08
C VAL B 290 8.29 -32.94 1.71
N ALA B 291 9.35 -32.13 1.57
CA ALA B 291 10.07 -32.10 0.29
C ALA B 291 10.64 -33.47 -0.04
N SER B 292 11.16 -34.13 0.99
CA SER B 292 11.76 -35.44 0.81
C SER B 292 10.72 -36.50 0.41
N LEU B 293 9.57 -36.46 1.08
CA LEU B 293 8.45 -37.35 0.77
C LEU B 293 8.05 -37.20 -0.66
N VAL B 294 7.83 -35.96 -1.10
CA VAL B 294 7.43 -35.70 -2.50
C VAL B 294 8.54 -36.06 -3.46
N GLU B 295 9.78 -35.82 -3.06
CA GLU B 295 10.93 -36.26 -3.84
C GLU B 295 10.83 -37.80 -4.02
N LYS B 296 10.54 -38.51 -2.92
CA LYS B 296 10.50 -39.99 -2.99
C LYS B 296 9.43 -40.45 -3.98
N TYR B 297 8.21 -39.95 -3.81
CA TYR B 297 7.10 -40.40 -4.66
C TYR B 297 7.08 -39.87 -6.07
N SER B 298 7.63 -38.68 -6.29
CA SER B 298 7.70 -38.12 -7.64
C SER B 298 8.76 -38.80 -8.43
N GLY B 299 9.78 -39.27 -7.73
CA GLY B 299 10.95 -39.85 -8.35
C GLY B 299 11.89 -38.82 -8.93
N ILE B 300 11.71 -37.53 -8.61
CA ILE B 300 12.58 -36.49 -9.17
C ILE B 300 13.39 -35.90 -8.02
N ALA B 301 14.71 -36.04 -8.10
CA ALA B 301 15.63 -35.51 -7.09
C ALA B 301 15.71 -33.98 -7.13
N LEU B 302 15.70 -33.36 -5.96
CA LEU B 302 16.02 -31.93 -5.88
C LEU B 302 17.51 -31.77 -6.19
N PRO B 303 17.89 -30.74 -6.96
CA PRO B 303 19.32 -30.48 -7.07
C PRO B 303 19.91 -30.09 -5.73
N PRO B 304 21.21 -30.33 -5.53
CA PRO B 304 21.84 -29.98 -4.25
C PRO B 304 21.76 -28.47 -3.93
N ASN B 305 21.69 -27.63 -4.96
CA ASN B 305 21.59 -26.17 -4.80
C ASN B 305 20.15 -25.62 -4.61
N PHE B 306 19.15 -26.48 -4.41
CA PHE B 306 17.78 -25.99 -4.26
C PHE B 306 17.65 -25.20 -2.97
N PRO B 307 17.02 -24.01 -3.04
CA PRO B 307 16.97 -23.23 -1.83
C PRO B 307 16.21 -23.88 -0.69
N ILE B 308 16.64 -23.59 0.53
CA ILE B 308 15.96 -23.96 1.76
C ILE B 308 16.14 -25.44 2.10
N THR B 309 15.74 -26.34 1.22
CA THR B 309 15.80 -27.78 1.48
C THR B 309 16.95 -28.47 0.74
N GLY B 310 17.62 -27.79 -0.16
CA GLY B 310 18.72 -28.41 -0.90
C GLY B 310 19.86 -28.88 0.00
N ASP B 311 20.58 -29.92 -0.45
CA ASP B 311 21.71 -30.45 0.32
C ASP B 311 22.66 -29.33 0.75
N TYR B 312 22.93 -28.39 -0.14
CA TYR B 312 23.98 -27.37 0.13
C TYR B 312 23.50 -25.99 0.59
N ALA B 313 22.22 -25.84 0.87
CA ALA B 313 21.67 -24.51 1.27
C ALA B 313 22.37 -23.91 2.47
N PHE B 314 22.83 -24.75 3.39
CA PHE B 314 23.54 -24.29 4.59
C PHE B 314 24.95 -24.91 4.71
N VAL B 315 25.56 -25.15 3.55
CA VAL B 315 26.89 -25.73 3.45
C VAL B 315 27.81 -24.73 2.79
N HIS B 316 28.87 -24.36 3.55
CA HIS B 316 29.86 -23.38 3.18
C HIS B 316 31.09 -24.05 2.64
N LYS B 317 31.79 -23.38 1.75
CA LYS B 317 32.98 -23.97 1.14
C LYS B 317 34.26 -23.12 1.28
N ALA B 318 34.24 -21.88 0.79
CA ALA B 318 35.47 -21.07 0.78
C ALA B 318 36.03 -20.84 2.20
N GLY B 319 37.34 -20.95 2.34
CA GLY B 319 37.98 -20.75 3.64
C GLY B 319 37.53 -19.49 4.36
N VAL B 320 37.48 -18.38 3.64
CA VAL B 320 37.04 -17.09 4.22
C VAL B 320 35.63 -17.18 4.76
N HIS B 321 34.73 -17.85 4.03
CA HIS B 321 33.36 -17.99 4.57
C HIS B 321 33.32 -18.83 5.81
N VAL B 322 34.05 -19.95 5.80
CA VAL B 322 33.97 -20.87 6.92
C VAL B 322 34.58 -20.18 8.16
N ALA B 323 35.65 -19.43 7.95
CA ALA B 323 36.26 -18.69 9.09
C ALA B 323 35.26 -17.72 9.71
N GLY B 324 34.51 -17.02 8.86
CA GLY B 324 33.51 -16.08 9.34
C GLY B 324 32.40 -16.77 10.08
N VAL B 325 31.89 -17.86 9.50
CA VAL B 325 30.79 -18.60 10.07
C VAL B 325 31.16 -19.19 11.43
N LEU B 326 32.40 -19.67 11.55
CA LEU B 326 32.91 -20.18 12.82
C LEU B 326 32.92 -19.11 13.91
N ASN B 327 33.14 -17.85 13.55
CA ASN B 327 33.00 -16.73 14.51
C ASN B 327 31.56 -16.25 14.68
N ASP B 328 30.81 -16.10 13.58
CA ASP B 328 29.41 -15.68 13.67
C ASP B 328 28.68 -16.18 12.41
N PRO B 329 27.88 -17.25 12.57
CA PRO B 329 27.26 -17.86 11.40
C PRO B 329 26.43 -16.88 10.57
N LYS B 330 25.95 -15.81 11.20
CA LYS B 330 25.13 -14.79 10.49
C LYS B 330 25.86 -14.14 9.34
N THR B 331 27.19 -14.17 9.39
CA THR B 331 27.99 -13.65 8.29
C THR B 331 27.62 -14.20 6.91
N TYR B 332 27.26 -15.47 6.85
CA TYR B 332 26.91 -16.06 5.56
C TYR B 332 25.57 -16.84 5.55
N GLU B 333 24.72 -16.61 6.55
CA GLU B 333 23.43 -17.28 6.64
C GLU B 333 22.33 -16.24 6.75
N PHE B 334 21.41 -16.24 5.79
CA PHE B 334 20.33 -15.27 5.76
C PHE B 334 19.43 -15.40 6.96
N LEU B 335 19.20 -16.64 7.39
CA LEU B 335 18.49 -16.98 8.61
C LEU B 335 19.15 -18.23 9.18
N PRO B 336 19.00 -18.46 10.49
CA PRO B 336 19.59 -19.67 11.07
C PRO B 336 19.02 -20.97 10.46
N PRO B 337 19.86 -21.98 10.24
CA PRO B 337 19.37 -23.25 9.69
C PRO B 337 18.25 -23.90 10.51
N GLU B 338 18.30 -23.75 11.83
CA GLU B 338 17.27 -24.33 12.72
C GLU B 338 15.87 -23.75 12.47
N THR B 339 15.81 -22.57 11.86
CA THR B 339 14.54 -22.04 11.36
C THR B 339 13.79 -23.11 10.58
N PHE B 340 14.51 -23.83 9.74
CA PHE B 340 13.95 -24.89 8.94
C PHE B 340 14.27 -26.28 9.48
N GLY B 341 14.65 -26.37 10.75
CA GLY B 341 15.04 -27.62 11.40
C GLY B 341 16.27 -28.27 10.80
N ARG B 342 17.15 -27.46 10.22
CA ARG B 342 18.38 -27.98 9.61
C ARG B 342 19.62 -27.56 10.36
N SER B 343 20.77 -28.04 9.92
CA SER B 343 22.06 -27.71 10.53
C SER B 343 23.02 -27.27 9.46
N ARG B 344 23.92 -26.35 9.80
CA ARG B 344 24.96 -25.95 8.86
C ARG B 344 26.06 -27.02 8.74
N ASP B 345 26.90 -26.86 7.72
CA ASP B 345 28.08 -27.70 7.54
C ASP B 345 29.03 -26.95 6.64
N TYR B 346 30.21 -27.50 6.43
CA TYR B 346 31.12 -27.01 5.41
C TYR B 346 31.90 -28.16 4.79
N VAL B 347 32.44 -27.92 3.61
CA VAL B 347 33.23 -28.90 2.92
C VAL B 347 34.69 -28.43 2.89
N ILE B 348 35.60 -29.37 2.59
CA ILE B 348 37.03 -29.07 2.48
C ILE B 348 37.58 -29.53 1.14
N ASP B 349 38.09 -28.58 0.38
CA ASP B 349 38.78 -28.85 -0.87
C ASP B 349 39.84 -27.78 -1.05
N LYS B 350 40.38 -27.63 -2.24
CA LYS B 350 41.43 -26.64 -2.45
C LYS B 350 41.03 -25.20 -2.09
N TYR B 351 39.73 -24.95 -1.91
CA TYR B 351 39.25 -23.60 -1.58
C TYR B 351 39.31 -23.35 -0.09
N THR B 352 39.74 -24.33 0.69
CA THR B 352 39.69 -24.18 2.12
C THR B 352 40.79 -23.28 2.70
N GLY B 353 40.71 -23.04 3.98
CA GLY B 353 41.76 -22.29 4.71
C GLY B 353 42.05 -22.92 6.05
N LYS B 354 42.95 -22.32 6.82
CA LYS B 354 43.38 -22.91 8.08
C LYS B 354 42.30 -23.02 9.17
N HIS B 355 41.41 -22.05 9.28
CA HIS B 355 40.39 -22.11 10.33
C HIS B 355 39.41 -23.30 10.09
N ALA B 356 39.12 -23.54 8.84
CA ALA B 356 38.21 -24.61 8.47
C ALA B 356 38.86 -25.99 8.76
N VAL B 357 40.10 -26.15 8.32
CA VAL B 357 40.83 -27.40 8.47
C VAL B 357 41.05 -27.67 9.95
N LYS B 358 41.40 -26.63 10.70
CA LYS B 358 41.58 -26.77 12.15
C LYS B 358 40.30 -27.18 12.84
N ASP B 359 39.19 -26.61 12.39
CA ASP B 359 37.90 -26.93 12.98
C ASP B 359 37.53 -28.39 12.71
N ARG B 360 37.74 -28.89 11.49
CA ARG B 360 37.35 -30.26 11.17
C ARG B 360 38.20 -31.24 11.97
N PHE B 361 39.51 -30.98 12.05
CA PHE B 361 40.35 -31.81 12.94
C PHE B 361 39.90 -31.80 14.38
N ASP B 362 39.42 -30.66 14.85
CA ASP B 362 38.83 -30.61 16.18
C ASP B 362 37.62 -31.52 16.27
N ARG B 363 36.76 -31.50 15.26
CA ARG B 363 35.58 -32.36 15.32
C ARG B 363 36.01 -33.83 15.38
N LEU B 364 37.09 -34.15 14.69
CA LEU B 364 37.60 -35.50 14.62
C LEU B 364 38.45 -35.89 15.84
N GLY B 365 38.68 -34.97 16.78
CA GLY B 365 39.53 -35.21 17.94
C GLY B 365 41.04 -35.28 17.69
N VAL B 366 41.50 -34.72 16.57
CA VAL B 366 42.90 -34.75 16.21
C VAL B 366 43.54 -33.40 16.54
N LYS B 367 44.58 -33.43 17.35
CA LYS B 367 45.29 -32.23 17.81
C LYS B 367 46.56 -32.03 17.02
N LEU B 368 46.57 -31.00 16.18
CA LEU B 368 47.74 -30.72 15.33
C LEU B 368 48.29 -29.33 15.65
N THR B 369 49.59 -29.18 15.53
CA THR B 369 50.22 -27.87 15.68
C THR B 369 49.89 -26.99 14.49
N ASP B 370 50.08 -25.69 14.65
CA ASP B 370 49.84 -24.76 13.54
C ASP B 370 50.75 -25.11 12.38
N SER B 371 51.98 -25.51 12.67
CA SER B 371 52.87 -25.95 11.61
C SER B 371 52.31 -27.18 10.83
N GLU B 372 51.76 -28.12 11.57
CA GLU B 372 51.20 -29.33 10.99
C GLU B 372 49.92 -28.99 10.19
N ILE B 373 49.10 -28.08 10.69
CA ILE B 373 47.95 -27.57 9.93
C ILE B 373 48.43 -26.97 8.60
N ASP B 374 49.49 -26.15 8.62
CA ASP B 374 50.02 -25.54 7.38
C ASP B 374 50.43 -26.59 6.37
N GLN B 375 51.09 -27.64 6.84
CA GLN B 375 51.52 -28.71 5.93
C GLN B 375 50.27 -29.39 5.33
N VAL B 376 49.28 -29.70 6.16
CA VAL B 376 48.09 -30.42 5.65
C VAL B 376 47.40 -29.55 4.60
N LEU B 377 47.25 -28.28 4.94
CA LEU B 377 46.62 -27.29 4.07
C LEU B 377 47.32 -27.23 2.72
N ALA B 378 48.66 -27.24 2.73
CA ALA B 378 49.41 -27.20 1.47
C ALA B 378 49.16 -28.42 0.60
N LYS B 379 49.04 -29.59 1.22
CA LYS B 379 48.75 -30.82 0.47
C LYS B 379 47.31 -30.78 -0.12
N ILE B 380 46.37 -30.33 0.68
CA ILE B 380 44.98 -30.14 0.19
C ILE B 380 44.97 -29.26 -1.07
N LYS B 381 45.71 -28.16 -1.03
CA LYS B 381 45.72 -27.21 -2.15
C LYS B 381 46.51 -27.66 -3.36
N SER B 382 47.25 -28.76 -3.24
CA SER B 382 48.05 -29.30 -4.34
C SER B 382 47.30 -30.27 -5.24
N ASN B 383 46.05 -30.62 -4.90
CA ASN B 383 45.24 -31.49 -5.75
C ASN B 383 44.10 -30.75 -6.42
N PRO B 384 44.27 -30.37 -7.69
CA PRO B 384 43.26 -29.60 -8.42
C PRO B 384 41.89 -30.27 -8.57
N ASN B 385 41.84 -31.61 -8.63
CA ASN B 385 40.60 -32.29 -9.03
C ASN B 385 39.97 -33.14 -7.93
N VAL B 386 40.44 -32.98 -6.70
CA VAL B 386 39.79 -33.61 -5.56
C VAL B 386 38.57 -32.77 -5.18
N ARG B 387 37.41 -33.40 -5.29
CA ARG B 387 36.15 -32.73 -5.06
C ARG B 387 35.90 -32.49 -3.59
N PHE B 388 36.19 -33.48 -2.75
CA PHE B 388 36.02 -33.41 -1.30
C PHE B 388 37.19 -34.13 -0.61
N TYR B 389 37.70 -33.54 0.47
CA TYR B 389 38.55 -34.28 1.40
C TYR B 389 37.62 -34.75 2.49
N ARG B 390 37.34 -36.04 2.44
CA ARG B 390 36.51 -36.66 3.42
C ARG B 390 37.34 -36.89 4.66
N ASP B 391 36.68 -37.23 5.74
CA ASP B 391 37.39 -37.34 7.00
C ASP B 391 38.52 -38.40 6.95
N VAL B 392 38.28 -39.50 6.25
CA VAL B 392 39.30 -40.51 6.11
C VAL B 392 40.52 -39.90 5.44
N ASP B 393 40.29 -39.05 4.44
CA ASP B 393 41.36 -38.37 3.73
C ASP B 393 42.14 -37.42 4.64
N LEU B 394 41.42 -36.69 5.47
CA LEU B 394 42.03 -35.77 6.41
C LEU B 394 42.87 -36.54 7.44
N LEU B 395 42.36 -37.66 7.91
CA LEU B 395 43.10 -38.48 8.88
C LEU B 395 44.37 -39.02 8.23
N GLU B 396 44.27 -39.45 6.98
CA GLU B 396 45.45 -39.89 6.25
C GLU B 396 46.46 -38.77 6.04
N LEU B 397 45.98 -37.56 5.78
CA LEU B 397 46.87 -36.41 5.63
C LEU B 397 47.58 -36.08 6.94
N ALA B 398 46.85 -36.12 8.05
CA ALA B 398 47.39 -35.85 9.37
C ALA B 398 48.41 -36.92 9.78
N GLU B 399 48.06 -38.18 9.57
CA GLU B 399 49.00 -39.27 9.73
C GLU B 399 50.24 -39.06 8.90
N SER B 400 50.10 -38.60 7.67
CA SER B 400 51.26 -38.36 6.80
C SER B 400 52.15 -37.19 7.28
N VAL B 401 51.66 -36.38 8.19
CA VAL B 401 52.42 -35.25 8.68
C VAL B 401 52.96 -35.56 10.09
N THR B 402 52.16 -36.18 10.93
CA THR B 402 52.57 -36.44 12.30
C THR B 402 53.35 -37.75 12.47
N GLY B 403 53.19 -38.70 11.56
CA GLY B 403 53.72 -40.07 11.75
C GLY B 403 53.08 -40.80 12.93
N ARG B 404 51.93 -40.33 13.38
CA ARG B 404 51.26 -40.95 14.49
C ARG B 404 49.92 -41.47 14.03
N LEU B 405 49.41 -42.43 14.78
CA LEU B 405 48.12 -43.04 14.46
C LEU B 405 46.99 -42.08 14.85
N GLU B 406 46.08 -41.81 13.92
CA GLU B 406 44.96 -40.89 14.19
C GLU B 406 43.57 -41.48 13.85
N HIS B 407 43.48 -42.46 12.95
CA HIS B 407 42.18 -42.89 12.39
C HIS B 407 41.35 -43.86 13.25
N HIS B 411 35.11 -42.48 14.25
CA HIS B 411 34.29 -43.68 13.96
C HIS B 411 33.33 -43.67 12.70
N HIS B 412 33.72 -42.97 11.62
CA HIS B 412 33.02 -43.06 10.29
C HIS B 412 34.04 -43.24 9.13
ZN ZN C . 4.58 25.86 9.57
C1 AKG D . 6.80 24.36 10.98
O1 AKG D . 6.64 24.55 9.76
O2 AKG D . 7.89 23.93 11.41
C2 AKG D . 5.68 24.68 11.89
O5 AKG D . 5.00 25.69 11.72
C3 AKG D . 5.34 23.71 13.03
C4 AKG D . 4.35 22.69 12.45
C5 AKG D . 3.71 21.72 13.42
O3 AKG D . 3.38 20.59 12.95
O4 AKG D . 3.55 22.05 14.65
N1A COA E . 12.28 25.20 22.12
C2A COA E . 13.00 25.96 22.98
N3A COA E . 13.52 27.19 22.65
C4A COA E . 13.36 27.69 21.42
C5A COA E . 12.59 26.93 20.43
C6A COA E . 12.05 25.62 20.86
N6A COA E . 11.35 24.88 19.97
N7A COA E . 12.57 27.66 19.30
C8A COA E . 13.29 28.80 19.53
N9A COA E . 13.75 28.80 20.79
C1B COA E . 14.47 29.89 21.46
C2B COA E . 15.71 30.40 20.78
O2B COA E . 16.85 29.58 21.01
C3B COA E . 15.82 31.74 21.45
O3B COA E . 16.21 31.69 22.80
P3B COA E . 17.18 32.82 23.38
O7A COA E . 17.80 32.08 24.51
O8A COA E . 16.21 33.92 23.76
O9A COA E . 18.12 33.19 22.28
C4B COA E . 14.40 32.25 21.43
O4B COA E . 13.60 31.03 21.51
C5B COA E . 14.45 33.07 20.15
O5B COA E . 13.37 33.87 19.91
P1A COA E . 13.00 35.36 20.41
O1A COA E . 11.78 35.35 19.55
O2A COA E . 14.05 36.41 20.22
O3A COA E . 12.71 35.07 21.97
P2A COA E . 11.72 35.83 22.93
O4A COA E . 11.95 37.32 22.80
O5A COA E . 11.79 35.13 24.26
O6A COA E . 10.27 35.48 22.39
CBP COA E . 8.40 34.08 21.79
CCP COA E . 9.83 34.12 22.33
CDP COA E . 7.89 32.64 21.66
CEP COA E . 7.48 34.84 22.75
CAP COA E . 8.41 34.81 20.44
OAP COA E . 9.44 34.32 19.56
C9P COA E . 7.10 34.68 19.74
O9P COA E . 6.14 35.26 20.20
N8P COA E . 7.08 33.91 18.65
C7P COA E . 5.90 33.66 17.85
C6P COA E . 5.56 32.16 17.85
C5P COA E . 6.65 31.39 17.12
O5P COA E . 7.76 31.89 16.95
N4P COA E . 6.33 30.15 16.70
C3P COA E . 7.34 29.30 16.08
C2P COA E . 6.80 28.07 15.39
S1P COA E . 8.27 27.10 14.92
S SO4 F . -6.25 47.96 -20.13
O1 SO4 F . -7.63 48.41 -19.97
O2 SO4 F . -5.89 47.86 -21.58
O3 SO4 F . -5.34 48.94 -19.51
O4 SO4 F . -6.11 46.62 -19.50
S SO4 G . -21.35 30.75 -5.76
O1 SO4 G . -22.01 29.72 -6.55
O2 SO4 G . -22.28 31.85 -5.49
O3 SO4 G . -20.23 31.34 -6.56
O4 SO4 G . -20.77 30.25 -4.52
OH2 1PE H . 17.94 1.84 2.52
C12 1PE H . 18.47 1.76 1.16
C22 1PE H . 18.16 3.05 0.46
OH3 1PE H . 18.27 3.05 -0.95
C13 1PE H . 16.08 3.95 -1.56
C23 1PE H . 17.57 4.15 -1.60
OH4 1PE H . 15.27 5.09 -1.88
C14 1PE H . 13.52 4.34 -0.27
C24 1PE H . 13.85 5.03 -1.58
OH5 1PE H . 12.38 4.72 0.53
C15 1PE H . 11.91 6.00 2.73
C25 1PE H . 12.87 5.40 1.72
OH6 1PE H . 12.49 7.03 3.61
C16 1PE H . 13.90 9.09 3.74
C26 1PE H . 13.62 7.75 3.14
OH7 1PE H . 15.23 9.41 3.31
S SO4 I . -1.82 3.48 -7.11
O1 SO4 I . -3.24 3.38 -6.63
O2 SO4 I . -1.49 2.24 -7.84
O3 SO4 I . -0.92 3.55 -5.92
O4 SO4 I . -1.62 4.66 -7.99
S SO4 J . 1.15 0.49 -1.25
O1 SO4 J . -0.11 -0.28 -1.14
O2 SO4 J . 1.10 1.43 -2.39
O3 SO4 J . 1.33 1.25 0.00
O4 SO4 J . 2.32 -0.42 -1.40
S SO4 K . 8.22 -0.89 0.27
O1 SO4 K . 6.98 -1.14 -0.52
O2 SO4 K . 9.40 -1.56 -0.36
O3 SO4 K . 8.00 -1.41 1.63
O4 SO4 K . 8.48 0.56 0.34
ZN ZN L . -0.21 -24.08 -14.05
C1 AKG M . -2.29 -22.49 -15.63
O1 AKG M . -2.81 -21.74 -16.47
O2 AKG M . -1.08 -22.36 -15.34
C2 AKG M . -3.08 -23.56 -14.97
O5 AKG M . -2.74 -24.74 -15.10
C3 AKG M . -4.32 -23.21 -14.15
C4 AKG M . -3.94 -22.53 -12.83
C5 AKG M . -5.03 -22.47 -11.75
O3 AKG M . -5.96 -23.31 -11.75
O4 AKG M . -4.95 -21.56 -10.90
N1A COA N . -13.22 -25.83 -20.79
C2A COA N . -13.86 -26.60 -21.68
N3A COA N . -13.23 -27.28 -22.67
C4A COA N . -11.89 -27.20 -22.80
C5A COA N . -11.12 -26.37 -21.86
C6A COA N . -11.88 -25.68 -20.82
N6A COA N . -11.23 -24.91 -19.93
N7A COA N . -9.82 -26.46 -22.22
C8A COA N . -9.76 -27.27 -23.29
N9A COA N . -10.99 -27.69 -23.64
C1B COA N . -11.33 -28.64 -24.72
C2B COA N . -10.60 -28.41 -26.03
O2B COA N . -11.28 -27.47 -26.86
C3B COA N . -10.60 -29.81 -26.58
O3B COA N . -11.92 -30.03 -27.14
P3B COA N . -12.21 -30.85 -28.48
O7A COA N . -11.15 -30.40 -29.46
O8A COA N . -13.61 -30.46 -28.90
O9A COA N . -12.15 -32.26 -27.97
C4B COA N . -10.34 -30.70 -25.35
O4B COA N . -10.92 -29.97 -24.26
C5B COA N . -8.86 -30.92 -25.06
O5B COA N . -8.25 -31.87 -25.94
P1A COA N . -7.92 -33.38 -25.49
O1A COA N . -7.11 -33.37 -24.21
O2A COA N . -7.39 -33.94 -26.80
O3A COA N . -9.41 -33.96 -25.20
P2A COA N . -9.93 -35.33 -24.52
O4A COA N . -9.34 -36.52 -25.24
O5A COA N . -11.41 -35.18 -24.46
O6A COA N . -9.34 -35.33 -23.03
CBP COA N . -9.28 -34.62 -20.71
CCP COA N . -9.61 -34.26 -22.15
CDP COA N . -9.28 -36.05 -20.22
CEP COA N . -9.35 -33.48 -19.71
CAP COA N . -7.70 -34.60 -20.99
OAP COA N . -7.23 -33.45 -21.74
C9P COA N . -6.76 -34.69 -19.78
O9P COA N . -6.75 -35.69 -19.06
N8P COA N . -6.00 -33.62 -19.52
C7P COA N . -5.23 -33.49 -18.30
C6P COA N . -5.81 -32.36 -17.43
C5P COA N . -5.53 -31.05 -18.11
O5P COA N . -5.37 -31.00 -19.33
N4P COA N . -5.44 -29.97 -17.34
C3P COA N . -5.20 -28.66 -17.92
C2P COA N . -5.25 -27.54 -16.90
S1P COA N . -5.06 -26.01 -17.85
S SO4 O . 20.04 -31.35 7.50
O1 SO4 O . 18.60 -31.16 7.29
O2 SO4 O . 20.80 -31.09 6.26
O3 SO4 O . 20.50 -30.46 8.59
O4 SO4 O . 20.25 -32.77 7.85
S SO4 P . 51.38 -24.82 18.25
O1 SO4 P . 51.29 -26.06 19.06
O2 SO4 P . 50.44 -24.82 17.12
O3 SO4 P . 51.07 -23.69 19.15
O4 SO4 P . 52.74 -24.63 17.69
S SO4 Q . 35.03 -38.20 -5.74
O1 SO4 Q . 33.70 -38.14 -5.12
O2 SO4 Q . 34.98 -37.58 -7.08
O3 SO4 Q . 36.06 -37.51 -4.91
O4 SO4 Q . 35.38 -39.65 -5.86
#